data_6X6X
#
_entry.id   6X6X
#
_cell.length_a   85.956
_cell.length_b   97.706
_cell.length_c   106.366
_cell.angle_alpha   90.000
_cell.angle_beta   90.000
_cell.angle_gamma   90.000
#
_symmetry.space_group_name_H-M   'P 21 21 21'
#
loop_
_entity.id
_entity.type
_entity.pdbx_description
1 polymer ADP-ribosyltransferase
2 non-polymer 'ZINC ION'
3 non-polymer "N-(2-chlorophenyl)-N'-[(furan-2-yl)methyl]thiourea"
4 non-polymer 'DIMETHYL SULFOXIDE'
5 water water
#
_entity_poly.entity_id   1
_entity_poly.type   'polypeptide(L)'
_entity_poly.pdbx_seq_one_letter_code
;VANTTYKAPIERPEDFLKDKEKAKEWERKEAERIEQKLERSEKEALESYKKDSVEISKYSQTRNYFYDYQIEANSREKEY
KELRNAISKNKIDKPMYVYYFESPEKFAFNKVIRTENQNEISLEKFNEFKETIQNKLFKQDGFKDISLYEPGKGDEKPTP
LLMHLKLPRNTGMLPYTNTNNVSTLIEQGYSIKIDKIVRIVIDGKHYIKAEASVVSSLDFKDDVSKGDSWGKANYNDWSN
KLTPNELADVNDYMRGGYTAINNYLISNGPVNNPNPELDSKITNIENALKREPIPTNLTVYRRSGPQEFGLTLTSPEYDF
NKLENIDAFKSKWEGQALSYPNFISTSIGSVNMSAFAKRKIVLRITIPKGSPGAYLSAIPGYAGEYEVLLNHGSKFKINK
IDSYKDGTITKLIVDATLIP
;
_entity_poly.pdbx_strand_id   A,B
#
# COMPACT_ATOMS: atom_id res chain seq x y z
N THR A 4 -7.96 -15.27 -14.37
CA THR A 4 -7.55 -14.08 -13.62
C THR A 4 -8.04 -12.76 -14.24
N THR A 5 -8.37 -12.72 -15.56
CA THR A 5 -8.74 -11.46 -16.20
C THR A 5 -10.25 -11.19 -16.27
N TYR A 6 -10.60 -9.93 -15.98
CA TYR A 6 -11.97 -9.43 -16.02
C TYR A 6 -12.41 -9.31 -17.50
N LYS A 7 -13.56 -9.88 -17.84
CA LYS A 7 -14.06 -9.75 -19.21
C LYS A 7 -14.86 -8.43 -19.28
N ALA A 8 -14.41 -7.49 -20.13
CA ALA A 8 -15.06 -6.18 -20.27
C ALA A 8 -16.43 -6.28 -20.94
N PRO A 9 -17.42 -5.40 -20.61
CA PRO A 9 -18.74 -5.49 -21.26
C PRO A 9 -18.68 -5.25 -22.76
N ILE A 10 -17.80 -4.32 -23.23
CA ILE A 10 -17.61 -4.04 -24.66
C ILE A 10 -16.10 -4.08 -24.95
N GLU A 11 -15.64 -5.17 -25.55
CA GLU A 11 -14.25 -5.44 -25.88
C GLU A 11 -13.57 -4.33 -26.74
N ARG A 12 -12.32 -4.02 -26.40
CA ARG A 12 -11.50 -3.07 -27.14
C ARG A 12 -10.03 -3.45 -27.02
N PRO A 13 -9.15 -3.02 -27.95
CA PRO A 13 -7.71 -3.23 -27.72
C PRO A 13 -7.25 -2.15 -26.72
N GLU A 14 -5.98 -2.17 -26.28
CA GLU A 14 -5.48 -1.10 -25.41
C GLU A 14 -5.30 0.22 -26.20
N ASP A 15 -5.06 0.10 -27.51
CA ASP A 15 -4.82 1.21 -28.41
C ASP A 15 -5.53 0.95 -29.74
N PHE A 16 -6.38 1.89 -30.21
CA PHE A 16 -7.06 1.77 -31.52
C PHE A 16 -6.13 2.15 -32.67
N LEU A 17 -4.91 2.68 -32.34
CA LEU A 17 -3.91 3.12 -33.32
C LEU A 17 -4.53 4.12 -34.32
N LYS A 18 -4.45 3.87 -35.65
CA LYS A 18 -5.03 4.79 -36.64
C LYS A 18 -6.50 4.49 -37.00
N ASP A 19 -7.06 3.40 -36.43
CA ASP A 19 -8.41 2.92 -36.73
C ASP A 19 -9.53 3.77 -36.12
N LYS A 20 -9.81 4.91 -36.78
CA LYS A 20 -10.83 5.89 -36.41
C LYS A 20 -12.23 5.27 -36.34
N GLU A 21 -12.62 4.53 -37.41
CA GLU A 21 -13.93 3.90 -37.54
C GLU A 21 -14.25 3.03 -36.32
N LYS A 22 -13.37 2.06 -36.01
CA LYS A 22 -13.49 1.14 -34.87
C LYS A 22 -13.49 1.88 -33.52
N ALA A 23 -12.65 2.93 -33.37
CA ALA A 23 -12.55 3.73 -32.13
C ALA A 23 -13.86 4.47 -31.86
N LYS A 24 -14.39 5.17 -32.88
CA LYS A 24 -15.64 5.91 -32.75
C LYS A 24 -16.83 5.00 -32.49
N GLU A 25 -16.85 3.82 -33.13
CA GLU A 25 -17.91 2.80 -32.95
C GLU A 25 -17.96 2.36 -31.48
N TRP A 26 -16.78 2.01 -30.90
CA TRP A 26 -16.60 1.61 -29.50
C TRP A 26 -17.04 2.74 -28.58
N GLU A 27 -16.51 3.96 -28.82
CA GLU A 27 -16.81 5.16 -28.03
C GLU A 27 -18.30 5.45 -27.93
N ARG A 28 -19.05 5.30 -29.07
CA ARG A 28 -20.51 5.51 -29.10
C ARG A 28 -21.21 4.44 -28.26
N LYS A 29 -20.82 3.17 -28.44
CA LYS A 29 -21.39 2.03 -27.68
C LYS A 29 -21.13 2.21 -26.16
N GLU A 30 -19.92 2.67 -25.79
CA GLU A 30 -19.56 2.92 -24.39
C GLU A 30 -20.34 4.06 -23.81
N ALA A 31 -20.51 5.16 -24.58
CA ALA A 31 -21.29 6.31 -24.13
C ALA A 31 -22.72 5.85 -23.78
N GLU A 32 -23.36 5.03 -24.66
CA GLU A 32 -24.71 4.52 -24.42
C GLU A 32 -24.72 3.60 -23.19
N ARG A 33 -23.70 2.73 -23.07
CA ARG A 33 -23.58 1.80 -21.93
C ARG A 33 -23.43 2.54 -20.58
N ILE A 34 -22.46 3.46 -20.47
CA ILE A 34 -22.20 4.19 -19.21
C ILE A 34 -23.35 5.11 -18.82
N GLU A 35 -24.09 5.64 -19.81
CA GLU A 35 -25.25 6.50 -19.56
C GLU A 35 -26.29 5.83 -18.61
N GLN A 36 -26.38 4.49 -18.66
CA GLN A 36 -27.28 3.68 -17.83
C GLN A 36 -26.80 3.60 -16.38
N LYS A 37 -25.51 3.82 -16.13
CA LYS A 37 -24.90 3.81 -14.79
C LYS A 37 -25.01 5.20 -14.15
N LEU A 38 -25.22 6.25 -14.96
CA LEU A 38 -25.26 7.61 -14.42
C LEU A 38 -26.53 7.93 -13.65
N GLU A 39 -26.40 8.74 -12.60
CA GLU A 39 -27.53 9.21 -11.80
C GLU A 39 -28.06 10.45 -12.53
N ARG A 40 -29.33 10.87 -12.26
CA ARG A 40 -29.93 12.05 -12.92
C ARG A 40 -29.07 13.31 -12.71
N SER A 41 -28.56 13.52 -11.49
CA SER A 41 -27.71 14.68 -11.17
C SER A 41 -26.38 14.60 -11.96
N GLU A 42 -25.85 13.37 -12.20
CA GLU A 42 -24.64 13.14 -13.02
C GLU A 42 -24.93 13.45 -14.49
N LYS A 43 -26.09 13.00 -15.02
CA LYS A 43 -26.49 13.31 -16.41
C LYS A 43 -26.66 14.82 -16.62
N GLU A 44 -27.23 15.52 -15.62
CA GLU A 44 -27.43 16.97 -15.64
C GLU A 44 -26.08 17.71 -15.59
N ALA A 45 -25.08 17.15 -14.86
CA ALA A 45 -23.74 17.76 -14.78
C ALA A 45 -23.05 17.70 -16.13
N LEU A 46 -23.29 16.61 -16.87
CA LEU A 46 -22.74 16.37 -18.19
C LEU A 46 -23.36 17.38 -19.19
N GLU A 47 -24.67 17.70 -19.04
CA GLU A 47 -25.38 18.67 -19.88
C GLU A 47 -24.82 20.06 -19.64
N SER A 48 -24.55 20.42 -18.37
CA SER A 48 -23.97 21.71 -18.02
C SER A 48 -22.55 21.80 -18.61
N TYR A 49 -21.78 20.68 -18.54
CA TYR A 49 -20.42 20.62 -19.09
C TYR A 49 -20.37 21.03 -20.57
N LYS A 50 -21.25 20.45 -21.41
CA LYS A 50 -21.30 20.77 -22.84
C LYS A 50 -21.60 22.26 -23.16
N LYS A 51 -22.26 23.00 -22.25
CA LYS A 51 -22.63 24.41 -22.43
C LYS A 51 -21.61 25.41 -21.86
N ASP A 52 -20.66 24.92 -21.02
CA ASP A 52 -19.67 25.79 -20.35
C ASP A 52 -18.40 25.00 -20.02
N SER A 53 -17.90 24.18 -20.97
CA SER A 53 -16.74 23.32 -20.76
C SER A 53 -15.48 24.04 -20.37
N VAL A 54 -15.20 25.21 -20.98
CA VAL A 54 -13.96 25.94 -20.69
C VAL A 54 -13.87 26.37 -19.23
N GLU A 55 -14.93 27.05 -18.71
CA GLU A 55 -14.99 27.54 -17.31
C GLU A 55 -15.07 26.41 -16.27
N ILE A 56 -15.81 25.33 -16.59
CA ILE A 56 -15.94 24.16 -15.72
C ILE A 56 -14.56 23.46 -15.62
N SER A 57 -13.87 23.34 -16.76
CA SER A 57 -12.51 22.75 -16.79
C SER A 57 -11.52 23.62 -15.99
N LYS A 58 -11.52 24.97 -16.20
CA LYS A 58 -10.63 25.87 -15.45
C LYS A 58 -10.88 25.78 -13.93
N TYR A 59 -12.18 25.70 -13.54
CA TYR A 59 -12.52 25.58 -12.13
C TYR A 59 -11.94 24.29 -11.53
N SER A 60 -12.04 23.16 -12.24
CA SER A 60 -11.56 21.84 -11.75
C SER A 60 -10.03 21.81 -11.60
N GLN A 61 -9.32 22.76 -12.21
CA GLN A 61 -7.86 22.81 -12.12
C GLN A 61 -7.40 23.43 -10.82
N THR A 62 -8.15 24.44 -10.29
CA THR A 62 -7.64 25.17 -9.13
C THR A 62 -8.57 25.25 -7.92
N ARG A 63 -9.74 24.61 -8.00
CA ARG A 63 -10.75 24.61 -6.92
C ARG A 63 -10.20 24.26 -5.53
N ASN A 64 -9.21 23.36 -5.49
CA ASN A 64 -8.67 22.79 -4.26
C ASN A 64 -7.63 23.68 -3.52
N TYR A 65 -7.32 24.86 -4.07
CA TYR A 65 -6.36 25.80 -3.47
C TYR A 65 -7.02 26.82 -2.52
N PHE A 66 -8.34 26.80 -2.48
CA PHE A 66 -9.06 27.76 -1.65
C PHE A 66 -9.27 27.23 -0.22
N TYR A 67 -9.94 28.00 0.64
CA TYR A 67 -10.26 27.55 1.99
C TYR A 67 -11.36 26.50 1.85
N ASP A 68 -11.47 25.55 2.78
CA ASP A 68 -12.52 24.52 2.72
C ASP A 68 -13.94 25.16 2.62
N TYR A 69 -14.17 26.26 3.39
CA TYR A 69 -15.46 26.98 3.38
C TYR A 69 -15.71 27.69 2.06
N GLN A 70 -14.65 28.14 1.35
CA GLN A 70 -14.80 28.80 0.04
C GLN A 70 -15.14 27.77 -1.04
N ILE A 71 -14.52 26.57 -0.94
CA ILE A 71 -14.80 25.47 -1.88
C ILE A 71 -16.30 25.12 -1.77
N GLU A 72 -16.76 24.88 -0.54
CA GLU A 72 -18.16 24.53 -0.23
C GLU A 72 -19.12 25.60 -0.74
N ALA A 73 -18.79 26.88 -0.50
CA ALA A 73 -19.63 27.99 -0.93
C ALA A 73 -19.61 28.28 -2.42
N ASN A 74 -18.59 27.81 -3.17
CA ASN A 74 -18.48 28.11 -4.62
C ASN A 74 -19.66 27.57 -5.43
N SER A 75 -20.23 28.43 -6.28
CA SER A 75 -21.40 28.13 -7.13
C SER A 75 -21.12 27.01 -8.14
N ARG A 76 -19.83 26.82 -8.50
CA ARG A 76 -19.40 25.78 -9.43
C ARG A 76 -19.10 24.44 -8.74
N GLU A 77 -18.99 24.41 -7.40
CA GLU A 77 -18.63 23.17 -6.70
C GLU A 77 -19.60 22.00 -6.91
N LYS A 78 -20.93 22.23 -6.83
CA LYS A 78 -21.90 21.14 -7.00
C LYS A 78 -21.69 20.43 -8.34
N GLU A 79 -21.59 21.21 -9.43
CA GLU A 79 -21.32 20.74 -10.79
C GLU A 79 -19.98 19.97 -10.85
N TYR A 80 -18.92 20.50 -10.23
CA TYR A 80 -17.63 19.81 -10.20
C TYR A 80 -17.80 18.38 -9.59
N LYS A 81 -18.35 18.30 -8.36
CA LYS A 81 -18.54 17.01 -7.65
C LYS A 81 -19.37 16.05 -8.48
N GLU A 82 -20.49 16.51 -9.06
CA GLU A 82 -21.30 15.63 -9.91
C GLU A 82 -20.58 15.11 -11.16
N LEU A 83 -19.80 15.98 -11.84
CA LEU A 83 -19.10 15.55 -13.05
C LEU A 83 -17.93 14.62 -12.67
N ARG A 84 -17.24 14.92 -11.57
CA ARG A 84 -16.15 14.08 -11.02
C ARG A 84 -16.73 12.67 -10.74
N ASN A 85 -17.88 12.59 -10.05
CA ASN A 85 -18.52 11.30 -9.71
C ASN A 85 -18.90 10.51 -10.96
N ALA A 86 -19.41 11.22 -11.98
CA ALA A 86 -19.80 10.63 -13.27
C ALA A 86 -18.63 9.93 -13.94
N ILE A 87 -17.45 10.60 -13.99
CA ILE A 87 -16.26 9.99 -14.60
C ILE A 87 -15.81 8.77 -13.78
N SER A 88 -15.82 8.91 -12.42
CA SER A 88 -15.42 7.86 -11.47
CA SER A 88 -15.39 7.84 -11.51
C SER A 88 -16.36 6.64 -11.50
N LYS A 89 -17.52 6.74 -12.23
CA LYS A 89 -18.50 5.64 -12.42
C LYS A 89 -17.97 4.68 -13.49
N ASN A 90 -16.95 5.11 -14.26
CA ASN A 90 -16.36 4.28 -15.29
C ASN A 90 -14.84 4.22 -15.18
N LYS A 91 -14.33 3.61 -14.10
CA LYS A 91 -12.90 3.37 -13.96
C LYS A 91 -12.59 2.21 -14.93
N ILE A 92 -11.67 2.42 -15.85
CA ILE A 92 -11.36 1.42 -16.90
C ILE A 92 -10.72 0.14 -16.33
N ASP A 93 -11.11 -1.02 -16.90
CA ASP A 93 -10.64 -2.34 -16.46
C ASP A 93 -9.21 -2.70 -16.91
N LYS A 94 -8.70 -2.00 -17.95
CA LYS A 94 -7.34 -2.24 -18.45
C LYS A 94 -6.81 -0.95 -19.03
N PRO A 95 -5.49 -0.80 -19.24
CA PRO A 95 -4.99 0.49 -19.76
C PRO A 95 -5.59 0.89 -21.09
N MET A 96 -5.59 2.20 -21.34
CA MET A 96 -6.04 2.73 -22.61
C MET A 96 -5.10 3.84 -23.06
N TYR A 97 -4.59 3.73 -24.30
CA TYR A 97 -3.79 4.80 -24.89
C TYR A 97 -4.72 5.84 -25.46
N VAL A 98 -4.46 7.11 -25.12
CA VAL A 98 -5.28 8.21 -25.61
C VAL A 98 -4.38 9.18 -26.36
N TYR A 99 -5.00 10.09 -27.14
CA TYR A 99 -4.30 11.02 -28.01
C TYR A 99 -4.89 12.39 -27.88
N TYR A 100 -4.03 13.42 -27.83
CA TYR A 100 -4.49 14.82 -27.79
C TYR A 100 -3.36 15.74 -28.16
N PHE A 101 -3.71 16.90 -28.69
CA PHE A 101 -2.72 17.88 -29.04
C PHE A 101 -2.46 18.74 -27.86
N GLU A 102 -1.18 19.07 -27.66
CA GLU A 102 -0.78 19.88 -26.51
C GLU A 102 0.08 21.06 -26.89
N SER A 103 0.01 22.15 -26.10
CA SER A 103 0.91 23.27 -26.38
C SER A 103 2.28 22.89 -25.78
N PRO A 104 3.40 23.08 -26.52
CA PRO A 104 4.73 22.81 -25.94
C PRO A 104 5.00 23.64 -24.69
N GLU A 105 4.30 24.79 -24.55
CA GLU A 105 4.38 25.63 -23.37
C GLU A 105 3.93 24.88 -22.11
N LYS A 106 3.06 23.87 -22.27
CA LYS A 106 2.60 23.04 -21.13
C LYS A 106 3.80 22.39 -20.41
N PHE A 107 4.92 22.21 -21.13
CA PHE A 107 6.14 21.62 -20.59
C PHE A 107 7.27 22.63 -20.40
N ALA A 108 6.90 23.92 -20.29
CA ALA A 108 7.79 25.07 -20.14
C ALA A 108 8.77 25.23 -21.29
N PHE A 109 8.37 24.75 -22.50
CA PHE A 109 9.16 24.94 -23.72
C PHE A 109 8.61 26.20 -24.42
N ASN A 110 9.43 27.27 -24.45
CA ASN A 110 9.06 28.57 -25.02
C ASN A 110 9.83 28.93 -26.29
N LYS A 111 10.68 28.03 -26.82
CA LYS A 111 11.50 28.32 -28.00
C LYS A 111 10.75 28.17 -29.32
N VAL A 112 9.50 27.66 -29.30
CA VAL A 112 8.63 27.45 -30.47
C VAL A 112 9.14 26.26 -31.30
N ILE A 113 8.42 25.10 -31.24
CA ILE A 113 8.76 23.90 -32.03
C ILE A 113 8.71 24.32 -33.51
N ARG A 114 7.62 25.01 -33.87
CA ARG A 114 7.39 25.62 -35.18
C ARG A 114 6.13 26.46 -35.03
N THR A 115 5.95 27.49 -35.88
CA THR A 115 4.75 28.33 -35.82
C THR A 115 3.61 27.52 -36.42
N GLU A 116 2.37 27.90 -36.10
CA GLU A 116 1.17 27.22 -36.59
C GLU A 116 1.11 27.08 -38.13
N ASN A 117 1.55 28.12 -38.87
CA ASN A 117 1.53 28.15 -40.34
C ASN A 117 2.72 27.43 -40.99
N GLN A 118 3.82 27.25 -40.21
CA GLN A 118 5.04 26.55 -40.65
C GLN A 118 4.77 25.05 -40.74
N ASN A 119 5.60 24.33 -41.51
CA ASN A 119 5.48 22.89 -41.75
C ASN A 119 6.59 22.07 -41.06
N GLU A 120 7.84 22.47 -41.32
CA GLU A 120 9.06 21.81 -40.85
C GLU A 120 9.35 21.99 -39.37
N ILE A 121 9.98 20.99 -38.77
CA ILE A 121 10.52 21.03 -37.39
C ILE A 121 12.03 20.75 -37.46
N SER A 122 12.84 21.79 -37.22
CA SER A 122 14.30 21.67 -37.28
C SER A 122 14.86 20.72 -36.23
N LEU A 123 16.00 20.08 -36.54
CA LEU A 123 16.71 19.16 -35.64
C LEU A 123 17.09 19.90 -34.33
N GLU A 124 17.40 21.21 -34.45
CA GLU A 124 17.75 22.08 -33.32
C GLU A 124 16.57 22.15 -32.32
N LYS A 125 15.36 22.47 -32.82
CA LYS A 125 14.14 22.58 -32.00
C LYS A 125 13.71 21.24 -31.40
N PHE A 126 13.88 20.13 -32.15
CA PHE A 126 13.54 18.78 -31.71
C PHE A 126 14.44 18.42 -30.52
N ASN A 127 15.76 18.69 -30.64
CA ASN A 127 16.73 18.41 -29.58
C ASN A 127 16.51 19.28 -28.36
N GLU A 128 16.18 20.58 -28.55
CA GLU A 128 15.87 21.53 -27.47
C GLU A 128 14.63 21.06 -26.68
N PHE A 129 13.60 20.60 -27.40
CA PHE A 129 12.38 20.08 -26.78
C PHE A 129 12.71 18.85 -25.96
N LYS A 130 13.50 17.91 -26.52
CA LYS A 130 13.96 16.70 -25.83
C LYS A 130 14.68 17.04 -24.52
N GLU A 131 15.64 17.99 -24.56
CA GLU A 131 16.36 18.38 -23.33
C GLU A 131 15.47 19.10 -22.31
N THR A 132 14.37 19.75 -22.75
CA THR A 132 13.43 20.42 -21.85
C THR A 132 12.58 19.39 -21.06
N ILE A 133 12.13 18.32 -21.73
CA ILE A 133 11.24 17.30 -21.14
C ILE A 133 11.95 16.10 -20.53
N GLN A 134 13.23 15.87 -20.86
CA GLN A 134 13.89 14.67 -20.34
C GLN A 134 14.04 14.65 -18.83
N ASN A 135 13.83 13.45 -18.24
CA ASN A 135 13.96 13.17 -16.80
C ASN A 135 13.16 14.13 -15.92
N LYS A 136 11.98 14.51 -16.38
CA LYS A 136 11.10 15.39 -15.62
C LYS A 136 9.71 14.77 -15.50
N LEU A 137 9.01 15.11 -14.42
CA LEU A 137 7.61 14.73 -14.19
C LEU A 137 6.81 16.02 -14.33
N PHE A 138 5.63 15.91 -14.92
CA PHE A 138 4.75 17.07 -15.09
C PHE A 138 3.31 16.77 -14.62
N LYS A 139 2.81 17.55 -13.64
CA LYS A 139 1.44 17.39 -13.15
C LYS A 139 0.44 17.83 -14.21
N GLN A 140 -0.55 16.98 -14.49
CA GLN A 140 -1.66 17.24 -15.39
C GLN A 140 -2.94 17.26 -14.52
N ASP A 141 -3.74 18.33 -14.62
CA ASP A 141 -4.94 18.44 -13.78
C ASP A 141 -6.15 19.02 -14.52
N GLY A 142 -7.34 18.59 -14.09
CA GLY A 142 -8.62 19.11 -14.59
C GLY A 142 -9.33 18.33 -15.67
N PHE A 143 -10.64 18.62 -15.84
CA PHE A 143 -11.43 17.98 -16.88
C PHE A 143 -10.85 18.26 -18.24
N LYS A 144 -10.80 17.24 -19.08
CA LYS A 144 -10.27 17.37 -20.42
C LYS A 144 -10.91 16.35 -21.32
N ASP A 145 -11.17 16.75 -22.59
CA ASP A 145 -11.64 15.84 -23.63
C ASP A 145 -10.43 15.27 -24.31
N ILE A 146 -10.44 13.97 -24.58
CA ILE A 146 -9.34 13.32 -25.26
C ILE A 146 -9.85 12.51 -26.46
N SER A 147 -8.93 12.08 -27.35
CA SER A 147 -9.25 11.22 -28.49
C SER A 147 -8.71 9.81 -28.26
N LEU A 148 -9.36 8.83 -28.88
CA LEU A 148 -9.06 7.41 -28.75
C LEU A 148 -8.32 6.81 -29.94
N TYR A 149 -7.97 7.65 -30.92
CA TYR A 149 -7.23 7.17 -32.09
C TYR A 149 -6.23 8.23 -32.56
N GLU A 150 -5.25 7.81 -33.36
CA GLU A 150 -4.24 8.71 -33.91
C GLU A 150 -4.84 9.61 -35.00
N PRO A 151 -4.68 10.95 -34.89
CA PRO A 151 -5.24 11.84 -35.91
C PRO A 151 -4.64 11.64 -37.30
N GLY A 152 -5.49 11.84 -38.31
CA GLY A 152 -5.12 11.77 -39.71
C GLY A 152 -5.38 13.10 -40.39
N LYS A 153 -5.60 13.09 -41.71
CA LYS A 153 -5.84 14.28 -42.53
C LYS A 153 -7.10 15.07 -42.16
N GLY A 154 -8.23 14.36 -42.01
CA GLY A 154 -9.51 14.98 -41.69
C GLY A 154 -9.72 15.53 -40.28
N ASP A 155 -8.79 15.21 -39.35
CA ASP A 155 -8.89 15.61 -37.94
C ASP A 155 -8.29 16.96 -37.59
N GLU A 156 -8.78 17.57 -36.48
CA GLU A 156 -8.27 18.82 -35.92
C GLU A 156 -6.88 18.56 -35.31
N LYS A 157 -5.87 19.37 -35.71
CA LYS A 157 -4.48 19.26 -35.27
C LYS A 157 -4.02 20.67 -34.84
N PRO A 158 -4.50 21.17 -33.67
CA PRO A 158 -4.24 22.58 -33.32
C PRO A 158 -2.82 22.97 -32.93
N THR A 159 -1.91 22.01 -32.66
CA THR A 159 -0.54 22.34 -32.24
C THR A 159 0.52 21.47 -32.93
N PRO A 160 1.83 21.80 -32.82
CA PRO A 160 2.84 20.91 -33.42
C PRO A 160 3.18 19.69 -32.55
N LEU A 161 2.51 19.55 -31.36
CA LEU A 161 2.82 18.49 -30.41
C LEU A 161 1.64 17.56 -30.14
N LEU A 162 1.82 16.27 -30.47
CA LEU A 162 0.79 15.24 -30.26
C LEU A 162 1.18 14.33 -29.08
N MET A 163 0.33 14.26 -28.05
CA MET A 163 0.54 13.41 -26.87
C MET A 163 -0.11 12.06 -27.14
N HIS A 164 0.64 10.98 -26.92
CA HIS A 164 0.19 9.58 -27.01
C HIS A 164 0.43 9.06 -25.58
N LEU A 165 -0.62 9.13 -24.77
CA LEU A 165 -0.52 8.88 -23.33
C LEU A 165 -1.17 7.61 -22.90
N LYS A 166 -0.43 6.77 -22.13
CA LYS A 166 -0.99 5.52 -21.64
C LYS A 166 -1.73 5.78 -20.33
N LEU A 167 -3.06 5.64 -20.34
CA LEU A 167 -3.85 5.79 -19.10
C LEU A 167 -3.85 4.45 -18.36
N PRO A 168 -3.44 4.38 -17.07
CA PRO A 168 -3.38 3.07 -16.40
C PRO A 168 -4.75 2.48 -16.09
N ARG A 169 -4.78 1.19 -15.71
CA ARG A 169 -6.06 0.60 -15.28
C ARG A 169 -6.63 1.45 -14.11
N ASN A 170 -7.96 1.47 -13.98
CA ASN A 170 -8.76 2.18 -12.98
C ASN A 170 -8.85 3.70 -13.20
N THR A 171 -8.32 4.23 -14.32
CA THR A 171 -8.49 5.66 -14.61
C THR A 171 -9.96 5.85 -15.01
N GLY A 172 -10.62 6.88 -14.47
CA GLY A 172 -11.99 7.24 -14.82
C GLY A 172 -12.00 7.76 -16.24
N MET A 173 -12.92 7.24 -17.07
CA MET A 173 -13.02 7.67 -18.47
C MET A 173 -14.49 7.74 -18.83
N LEU A 174 -14.95 8.90 -19.27
CA LEU A 174 -16.38 9.09 -19.51
C LEU A 174 -16.72 9.40 -20.98
N PRO A 175 -16.96 8.37 -21.83
CA PRO A 175 -17.44 8.66 -23.19
C PRO A 175 -18.87 9.17 -23.08
N TYR A 176 -19.20 10.23 -23.83
CA TYR A 176 -20.51 10.89 -23.78
C TYR A 176 -20.91 11.43 -25.16
N THR A 177 -22.22 11.68 -25.35
CA THR A 177 -22.74 12.25 -26.59
C THR A 177 -22.79 13.74 -26.45
N ASN A 178 -22.53 14.45 -27.54
CA ASN A 178 -22.62 15.90 -27.62
C ASN A 178 -23.22 16.15 -28.99
N THR A 179 -24.53 16.52 -29.01
CA THR A 179 -25.36 16.70 -30.20
C THR A 179 -25.17 15.45 -31.09
N ASN A 180 -24.58 15.60 -32.29
CA ASN A 180 -24.36 14.50 -33.24
C ASN A 180 -23.06 13.72 -33.02
N ASN A 181 -22.16 14.26 -32.17
CA ASN A 181 -20.84 13.68 -31.92
C ASN A 181 -20.71 12.93 -30.59
N VAL A 182 -19.56 12.29 -30.43
CA VAL A 182 -19.20 11.58 -29.20
C VAL A 182 -17.80 12.02 -28.76
N SER A 183 -17.60 12.27 -27.46
CA SER A 183 -16.26 12.62 -26.98
C SER A 183 -16.01 11.78 -25.72
N THR A 184 -14.80 11.87 -25.14
CA THR A 184 -14.46 11.13 -23.92
C THR A 184 -13.81 12.08 -22.98
N LEU A 185 -14.38 12.20 -21.77
CA LEU A 185 -13.93 13.10 -20.73
C LEU A 185 -13.11 12.35 -19.69
N ILE A 186 -12.03 12.95 -19.23
CA ILE A 186 -11.22 12.40 -18.13
C ILE A 186 -11.02 13.54 -17.14
N GLU A 187 -10.61 13.23 -15.90
N GLU A 187 -10.67 13.18 -15.90
CA GLU A 187 -10.35 14.28 -14.91
CA GLU A 187 -10.34 14.15 -14.89
C GLU A 187 -8.87 14.59 -14.75
C GLU A 187 -8.89 13.85 -14.58
N GLN A 188 -7.99 13.77 -15.35
N GLN A 188 -8.00 14.60 -15.26
CA GLN A 188 -6.53 13.90 -15.23
CA GLN A 188 -6.55 14.44 -15.10
C GLN A 188 -6.12 13.70 -13.73
C GLN A 188 -6.19 14.76 -13.66
N GLY A 189 -5.28 14.59 -13.19
N GLY A 189 -5.28 14.02 -13.07
CA GLY A 189 -4.82 14.50 -11.80
CA GLY A 189 -4.85 14.28 -11.70
C GLY A 189 -3.80 13.40 -11.58
C GLY A 189 -3.67 13.39 -11.41
N TYR A 190 -2.63 13.51 -12.25
CA TYR A 190 -1.50 12.61 -12.18
C TYR A 190 -0.27 13.29 -12.74
N SER A 191 0.92 12.69 -12.48
CA SER A 191 2.19 13.10 -13.06
C SER A 191 2.36 12.28 -14.33
N ILE A 192 2.88 12.94 -15.37
CA ILE A 192 3.28 12.24 -16.60
C ILE A 192 4.77 12.42 -16.82
N LYS A 193 5.38 11.47 -17.54
CA LYS A 193 6.79 11.56 -17.95
C LYS A 193 6.74 11.28 -19.43
N ILE A 194 7.55 11.98 -20.21
CA ILE A 194 7.61 11.79 -21.66
C ILE A 194 8.87 10.95 -21.88
N ASP A 195 8.67 9.67 -22.22
CA ASP A 195 9.73 8.66 -22.35
C ASP A 195 10.45 8.71 -23.68
N LYS A 196 9.73 9.02 -24.76
CA LYS A 196 10.26 9.04 -26.13
C LYS A 196 9.54 10.09 -26.96
N ILE A 197 10.30 10.78 -27.83
CA ILE A 197 9.72 11.72 -28.79
C ILE A 197 10.17 11.30 -30.19
N VAL A 198 9.27 11.39 -31.18
CA VAL A 198 9.56 11.06 -32.59
C VAL A 198 8.95 12.12 -33.50
N ARG A 199 9.60 12.38 -34.63
CA ARG A 199 9.06 13.30 -35.61
C ARG A 199 8.15 12.47 -36.51
N ILE A 200 6.92 12.94 -36.74
CA ILE A 200 5.96 12.28 -37.64
C ILE A 200 5.42 13.27 -38.66
N VAL A 201 4.90 12.76 -39.79
CA VAL A 201 4.31 13.60 -40.85
C VAL A 201 2.83 13.26 -40.98
N ILE A 202 1.97 14.29 -40.98
CA ILE A 202 0.52 14.16 -41.19
C ILE A 202 0.13 15.25 -42.17
N ASP A 203 -0.17 14.86 -43.43
CA ASP A 203 -0.60 15.72 -44.53
C ASP A 203 0.38 16.87 -44.84
N GLY A 204 1.64 16.50 -45.05
CA GLY A 204 2.71 17.45 -45.35
C GLY A 204 3.29 18.22 -44.18
N LYS A 205 2.56 18.28 -43.04
CA LYS A 205 3.03 19.01 -41.86
C LYS A 205 3.73 18.06 -40.90
N HIS A 206 4.76 18.57 -40.20
CA HIS A 206 5.51 17.81 -39.22
C HIS A 206 5.04 18.10 -37.80
N TYR A 207 4.98 17.04 -37.01
CA TYR A 207 4.57 17.09 -35.61
C TYR A 207 5.55 16.30 -34.76
N ILE A 208 5.62 16.64 -33.48
CA ILE A 208 6.39 15.83 -32.53
C ILE A 208 5.32 14.93 -31.88
N LYS A 209 5.50 13.61 -31.94
CA LYS A 209 4.63 12.65 -31.26
C LYS A 209 5.36 12.27 -29.94
N ALA A 210 4.79 12.63 -28.79
CA ALA A 210 5.39 12.35 -27.48
C ALA A 210 4.75 11.12 -26.83
N GLU A 211 5.57 10.09 -26.56
CA GLU A 211 5.12 8.85 -25.90
C GLU A 211 5.13 9.13 -24.40
N ALA A 212 3.95 9.24 -23.78
CA ALA A 212 3.90 9.60 -22.36
C ALA A 212 3.26 8.52 -21.50
N SER A 213 3.64 8.50 -20.23
CA SER A 213 3.11 7.51 -19.30
C SER A 213 2.83 8.16 -17.96
N VAL A 214 1.92 7.57 -17.22
CA VAL A 214 1.55 8.10 -15.90
C VAL A 214 2.51 7.52 -14.89
N VAL A 215 3.06 8.36 -14.00
CA VAL A 215 3.89 7.92 -12.88
C VAL A 215 2.94 8.11 -11.69
N SER A 216 2.44 7.01 -11.14
CA SER A 216 1.48 7.01 -10.02
CA SER A 216 1.48 7.05 -10.03
C SER A 216 2.00 7.76 -8.79
N SER A 217 1.11 8.47 -8.11
CA SER A 217 1.42 9.21 -6.88
C SER A 217 0.15 9.47 -6.09
N LEU A 218 0.33 9.74 -4.79
CA LEU A 218 -0.77 10.13 -3.94
C LEU A 218 -0.87 11.64 -4.00
N ASP A 219 -2.08 12.13 -4.21
CA ASP A 219 -2.29 13.58 -4.25
C ASP A 219 -3.68 13.78 -3.68
N PHE A 220 -3.72 14.18 -2.43
CA PHE A 220 -4.98 14.31 -1.69
C PHE A 220 -5.71 15.60 -1.98
N LYS A 221 -5.00 16.62 -2.50
CA LYS A 221 -5.59 17.93 -2.84
C LYS A 221 -6.36 18.48 -1.63
N ASP A 222 -7.68 18.78 -1.73
CA ASP A 222 -8.45 19.32 -0.61
C ASP A 222 -8.97 18.23 0.35
N ASP A 223 -8.79 16.95 0.00
CA ASP A 223 -9.28 15.84 0.85
C ASP A 223 -8.31 15.55 2.02
N VAL A 224 -8.27 16.47 2.99
CA VAL A 224 -7.37 16.41 4.16
C VAL A 224 -7.67 15.19 5.05
N SER A 225 -8.94 14.77 5.15
CA SER A 225 -9.35 13.58 5.92
C SER A 225 -8.73 12.28 5.38
N LYS A 226 -8.73 12.13 4.04
CA LYS A 226 -8.14 10.97 3.38
C LYS A 226 -6.62 11.02 3.53
N GLY A 227 -6.05 12.21 3.42
CA GLY A 227 -4.60 12.39 3.57
C GLY A 227 -4.11 12.11 4.97
N ASP A 228 -4.89 12.58 5.95
CA ASP A 228 -4.63 12.35 7.38
C ASP A 228 -4.70 10.86 7.72
N SER A 229 -5.69 10.12 7.16
CA SER A 229 -5.80 8.66 7.33
C SER A 229 -4.56 7.94 6.79
N TRP A 230 -4.07 8.34 5.59
CA TRP A 230 -2.85 7.78 5.01
C TRP A 230 -1.64 8.09 5.90
N GLY A 231 -1.50 9.36 6.30
CA GLY A 231 -0.40 9.82 7.15
C GLY A 231 -0.32 9.07 8.47
N LYS A 232 -1.48 8.93 9.13
CA LYS A 232 -1.58 8.17 10.39
C LYS A 232 -1.35 6.66 10.17
N ALA A 233 -1.85 6.08 9.07
CA ALA A 233 -1.58 4.67 8.79
C ALA A 233 -0.07 4.38 8.65
N ASN A 234 0.72 5.34 8.14
CA ASN A 234 2.15 5.12 7.91
C ASN A 234 3.10 5.68 8.97
N TYR A 235 2.64 6.64 9.77
CA TYR A 235 3.48 7.30 10.76
C TYR A 235 2.94 7.27 12.21
N ASN A 236 1.77 6.66 12.49
CA ASN A 236 1.28 6.57 13.91
C ASN A 236 2.38 5.96 14.83
N ASP A 237 3.12 4.95 14.33
CA ASP A 237 4.17 4.28 15.11
C ASP A 237 5.58 4.87 14.90
N TRP A 238 5.70 6.01 14.18
CA TRP A 238 7.01 6.63 13.90
C TRP A 238 7.73 7.12 15.16
N SER A 239 7.01 7.85 16.07
CA SER A 239 7.61 8.38 17.32
C SER A 239 8.38 7.29 18.09
N ASN A 240 7.76 6.10 18.19
CA ASN A 240 8.37 4.94 18.88
C ASN A 240 9.59 4.33 18.19
N LYS A 241 9.83 4.65 16.89
CA LYS A 241 10.99 4.16 16.13
C LYS A 241 12.23 5.00 16.40
N LEU A 242 12.05 6.19 17.00
CA LEU A 242 13.12 7.15 17.26
C LEU A 242 13.78 6.92 18.59
N THR A 243 15.04 7.36 18.73
CA THR A 243 15.73 7.32 20.03
C THR A 243 15.09 8.44 20.89
N PRO A 244 15.13 8.39 22.24
CA PRO A 244 14.57 9.50 23.03
C PRO A 244 15.13 10.89 22.62
N ASN A 245 16.43 10.98 22.30
CA ASN A 245 17.03 12.25 21.88
C ASN A 245 16.49 12.75 20.54
N GLU A 246 16.25 11.82 19.60
CA GLU A 246 15.69 12.15 18.28
C GLU A 246 14.26 12.64 18.46
N LEU A 247 13.44 11.91 19.25
CA LEU A 247 12.07 12.30 19.52
C LEU A 247 12.00 13.67 20.20
N ALA A 248 12.89 13.92 21.20
CA ALA A 248 12.91 15.20 21.92
C ALA A 248 13.23 16.38 21.01
N ASP A 249 14.18 16.20 20.07
CA ASP A 249 14.59 17.27 19.13
C ASP A 249 13.49 17.54 18.09
N VAL A 250 12.83 16.48 17.62
CA VAL A 250 11.69 16.59 16.69
C VAL A 250 10.56 17.37 17.41
N ASN A 251 10.23 16.98 18.64
CA ASN A 251 9.22 17.64 19.47
C ASN A 251 9.55 19.12 19.73
N ASP A 252 10.81 19.42 20.11
CA ASP A 252 11.29 20.80 20.32
C ASP A 252 11.09 21.62 19.04
N TYR A 253 11.45 21.04 17.86
CA TYR A 253 11.30 21.70 16.57
C TYR A 253 9.84 22.06 16.32
N MET A 254 8.94 21.09 16.52
CA MET A 254 7.50 21.21 16.28
C MET A 254 6.84 22.28 17.15
N ARG A 255 7.25 22.37 18.41
CA ARG A 255 6.71 23.27 19.43
C ARG A 255 7.19 24.73 19.29
N GLY A 256 8.01 25.03 18.27
CA GLY A 256 8.52 26.38 18.05
C GLY A 256 10.03 26.49 17.92
N GLY A 257 10.74 25.40 18.19
CA GLY A 257 12.19 25.36 18.05
C GLY A 257 12.63 25.51 16.60
N TYR A 258 11.66 25.40 15.64
CA TYR A 258 11.91 25.54 14.21
C TYR A 258 12.43 26.93 13.84
N THR A 259 12.00 27.98 14.57
CA THR A 259 12.45 29.35 14.30
C THR A 259 13.98 29.46 14.47
N ALA A 260 14.51 29.04 15.63
CA ALA A 260 15.94 29.09 15.95
C ALA A 260 16.74 28.16 15.03
N ILE A 261 16.25 26.94 14.82
CA ILE A 261 16.95 25.96 13.96
C ILE A 261 17.01 26.44 12.52
N ASN A 262 15.86 26.83 11.95
CA ASN A 262 15.81 27.25 10.55
C ASN A 262 16.53 28.57 10.32
N ASN A 263 16.49 29.53 11.27
CA ASN A 263 17.19 30.83 11.11
C ASN A 263 18.71 30.57 11.08
N TYR A 264 19.17 29.66 11.95
CA TYR A 264 20.57 29.21 12.03
C TYR A 264 20.98 28.61 10.65
N LEU A 265 20.12 27.75 10.08
CA LEU A 265 20.40 27.12 8.80
C LEU A 265 20.38 28.13 7.64
N ILE A 266 19.40 29.05 7.63
CA ILE A 266 19.27 30.08 6.60
C ILE A 266 20.46 31.06 6.67
N SER A 267 20.90 31.38 7.89
CA SER A 267 22.02 32.31 8.08
C SER A 267 23.41 31.67 7.80
N ASN A 268 23.43 30.38 7.40
CA ASN A 268 24.66 29.64 7.11
C ASN A 268 25.50 29.45 8.39
N GLY A 269 24.79 29.38 9.53
CA GLY A 269 25.33 29.18 10.87
C GLY A 269 26.38 28.09 10.99
N PRO A 270 26.22 26.89 10.36
CA PRO A 270 27.29 25.87 10.44
C PRO A 270 28.66 26.32 9.91
N VAL A 271 28.68 27.30 8.99
CA VAL A 271 29.89 27.88 8.40
C VAL A 271 30.36 29.10 9.25
N ASN A 272 29.45 30.07 9.49
CA ASN A 272 29.74 31.33 10.19
C ASN A 272 29.93 31.28 11.69
N ASN A 273 29.06 30.55 12.41
CA ASN A 273 29.13 30.49 13.86
C ASN A 273 28.62 29.14 14.35
N PRO A 274 29.38 28.04 14.10
CA PRO A 274 28.91 26.70 14.51
C PRO A 274 28.35 26.64 15.93
N ASN A 275 27.12 26.13 16.07
CA ASN A 275 26.48 25.99 17.37
C ASN A 275 26.29 24.50 17.61
N PRO A 276 27.12 23.85 18.47
CA PRO A 276 27.00 22.41 18.67
C PRO A 276 25.64 21.93 19.16
N GLU A 277 24.94 22.74 19.98
CA GLU A 277 23.62 22.39 20.49
C GLU A 277 22.61 22.37 19.33
N LEU A 278 22.70 23.37 18.42
CA LEU A 278 21.83 23.43 17.24
C LEU A 278 22.21 22.35 16.24
N ASP A 279 23.53 22.16 16.00
CA ASP A 279 24.01 21.10 15.09
C ASP A 279 23.54 19.72 15.55
N SER A 280 23.53 19.47 16.88
CA SER A 280 23.10 18.19 17.43
C SER A 280 21.60 17.93 17.16
N LYS A 281 20.77 18.98 17.32
CA LYS A 281 19.33 18.89 17.06
C LYS A 281 19.09 18.61 15.58
N ILE A 282 19.82 19.32 14.70
CA ILE A 282 19.73 19.19 13.25
C ILE A 282 20.07 17.77 12.84
N THR A 283 21.18 17.23 13.39
CA THR A 283 21.63 15.86 13.18
C THR A 283 20.53 14.88 13.51
N ASN A 284 19.92 15.00 14.73
CA ASN A 284 18.85 14.10 15.21
C ASN A 284 17.58 14.19 14.39
N ILE A 285 17.16 15.42 14.05
CA ILE A 285 15.95 15.62 13.23
C ILE A 285 16.17 15.02 11.84
N GLU A 286 17.33 15.27 11.23
CA GLU A 286 17.65 14.69 9.93
C GLU A 286 17.60 13.16 10.01
N ASN A 287 18.25 12.57 11.04
CA ASN A 287 18.23 11.12 11.20
C ASN A 287 16.80 10.56 11.35
N ALA A 288 15.96 11.26 12.15
CA ALA A 288 14.57 10.91 12.39
C ALA A 288 13.80 10.85 11.05
N LEU A 289 14.04 11.83 10.18
CA LEU A 289 13.38 11.89 8.87
C LEU A 289 13.80 10.73 7.93
N LYS A 290 14.98 10.15 8.18
CA LYS A 290 15.48 9.02 7.37
C LYS A 290 14.98 7.65 7.89
N ARG A 291 14.37 7.62 9.12
CA ARG A 291 13.94 6.36 9.75
C ARG A 291 12.85 5.62 8.98
N GLU A 292 11.82 6.35 8.52
CA GLU A 292 10.74 5.73 7.74
C GLU A 292 10.50 6.58 6.50
N PRO A 293 11.28 6.32 5.42
CA PRO A 293 11.16 7.13 4.20
C PRO A 293 9.74 7.16 3.64
N ILE A 294 9.38 8.26 2.95
CA ILE A 294 8.08 8.41 2.29
C ILE A 294 7.83 7.12 1.45
N PRO A 295 6.78 6.32 1.76
CA PRO A 295 6.69 4.98 1.15
C PRO A 295 6.17 4.87 -0.27
N THR A 296 5.62 5.94 -0.82
CA THR A 296 5.01 5.99 -2.14
C THR A 296 5.24 7.41 -2.64
N ASN A 297 5.25 7.60 -3.99
CA ASN A 297 5.32 8.96 -4.56
C ASN A 297 4.16 9.76 -3.95
N LEU A 298 4.48 10.91 -3.42
CA LEU A 298 3.53 11.74 -2.68
C LEU A 298 3.64 13.18 -3.07
N THR A 299 2.49 13.83 -3.34
CA THR A 299 2.43 15.25 -3.63
C THR A 299 2.07 15.97 -2.35
N VAL A 300 2.85 17.02 -2.02
CA VAL A 300 2.62 17.87 -0.86
C VAL A 300 2.54 19.34 -1.31
N TYR A 301 2.03 20.24 -0.42
CA TYR A 301 1.82 21.63 -0.75
C TYR A 301 2.41 22.53 0.28
N ARG A 302 3.19 23.52 -0.16
CA ARG A 302 3.75 24.51 0.75
C ARG A 302 3.34 25.92 0.28
N ARG A 303 2.79 26.74 1.18
CA ARG A 303 2.44 28.15 0.90
C ARG A 303 3.77 28.86 1.25
N SER A 304 4.51 29.24 0.22
CA SER A 304 5.86 29.81 0.32
C SER A 304 5.81 31.31 0.50
N GLY A 305 6.72 31.84 1.31
CA GLY A 305 6.88 33.26 1.52
C GLY A 305 7.70 33.82 0.37
N PRO A 306 7.59 35.14 0.05
CA PRO A 306 8.37 35.69 -1.09
C PRO A 306 9.89 35.54 -0.94
N GLN A 307 10.39 35.51 0.30
CA GLN A 307 11.84 35.38 0.55
C GLN A 307 12.39 34.06 0.04
N GLU A 308 11.53 33.02 -0.08
CA GLU A 308 11.94 31.71 -0.59
C GLU A 308 12.33 31.74 -2.06
N PHE A 309 11.88 32.78 -2.77
CA PHE A 309 12.14 33.01 -4.18
C PHE A 309 12.83 34.38 -4.44
N GLY A 310 13.56 34.88 -3.43
CA GLY A 310 14.35 36.10 -3.51
C GLY A 310 13.59 37.41 -3.62
N LEU A 311 12.33 37.42 -3.21
CA LEU A 311 11.45 38.59 -3.22
C LEU A 311 11.06 39.00 -1.82
N THR A 312 10.30 40.10 -1.72
CA THR A 312 9.80 40.62 -0.45
C THR A 312 8.30 40.96 -0.67
N LEU A 313 7.57 41.14 0.41
CA LEU A 313 6.15 41.46 0.38
C LEU A 313 5.82 42.74 -0.41
N THR A 314 6.75 43.72 -0.45
CA THR A 314 6.54 45.00 -1.17
C THR A 314 7.30 45.07 -2.49
N SER A 315 7.93 43.95 -2.94
CA SER A 315 8.63 43.92 -4.22
C SER A 315 7.61 44.11 -5.35
N PRO A 316 7.82 45.06 -6.29
CA PRO A 316 6.88 45.18 -7.43
C PRO A 316 6.80 43.86 -8.21
N GLU A 317 7.92 43.06 -8.25
CA GLU A 317 8.01 41.76 -8.94
C GLU A 317 7.09 40.69 -8.31
N TYR A 318 6.64 40.93 -7.07
CA TYR A 318 5.74 40.03 -6.34
C TYR A 318 4.25 40.32 -6.69
N ASP A 319 4.00 41.32 -7.56
CA ASP A 319 2.63 41.61 -7.99
C ASP A 319 2.34 40.79 -9.24
N PHE A 320 1.86 39.54 -9.06
CA PHE A 320 1.62 38.62 -10.18
C PHE A 320 0.34 38.95 -10.98
N ASN A 321 -0.34 40.05 -10.61
CA ASN A 321 -1.49 40.56 -11.38
C ASN A 321 -0.99 41.13 -12.69
N LYS A 322 0.29 41.55 -12.75
CA LYS A 322 0.91 42.03 -13.98
C LYS A 322 1.52 40.83 -14.68
N LEU A 323 1.13 40.57 -15.96
CA LEU A 323 1.64 39.46 -16.76
C LEU A 323 3.18 39.51 -16.92
N GLU A 324 3.79 40.71 -16.95
CA GLU A 324 5.25 40.85 -17.06
C GLU A 324 5.98 40.30 -15.83
N ASN A 325 5.34 40.37 -14.64
CA ASN A 325 5.94 39.83 -13.43
C ASN A 325 5.90 38.30 -13.43
N ILE A 326 4.81 37.71 -13.99
CA ILE A 326 4.69 36.23 -14.11
C ILE A 326 5.76 35.73 -15.08
N ASP A 327 5.89 36.40 -16.24
CA ASP A 327 6.90 36.05 -17.26
C ASP A 327 8.30 36.16 -16.72
N ALA A 328 8.60 37.17 -15.87
CA ALA A 328 9.93 37.34 -15.26
C ALA A 328 10.20 36.20 -14.26
N PHE A 329 9.19 35.86 -13.44
CA PHE A 329 9.29 34.76 -12.45
C PHE A 329 9.56 33.40 -13.14
N LYS A 330 8.77 33.08 -14.19
CA LYS A 330 8.91 31.87 -15.00
C LYS A 330 10.30 31.80 -15.66
N SER A 331 10.76 32.92 -16.25
CA SER A 331 12.08 32.96 -16.88
C SER A 331 13.20 32.64 -15.85
N LYS A 332 13.07 33.17 -14.63
CA LYS A 332 14.05 32.93 -13.60
C LYS A 332 14.02 31.50 -13.02
N TRP A 333 12.82 30.92 -12.80
CA TRP A 333 12.65 29.68 -12.06
C TRP A 333 12.26 28.43 -12.83
N GLU A 334 11.53 28.54 -13.96
CA GLU A 334 11.15 27.31 -14.66
C GLU A 334 12.37 26.59 -15.23
N GLY A 335 12.44 25.29 -14.97
CA GLY A 335 13.54 24.41 -15.36
C GLY A 335 14.74 24.52 -14.44
N GLN A 336 14.67 25.39 -13.42
CA GLN A 336 15.74 25.65 -12.44
C GLN A 336 15.62 24.81 -11.16
N ALA A 337 16.74 24.70 -10.43
CA ALA A 337 16.79 24.00 -9.15
C ALA A 337 16.73 25.02 -8.02
N LEU A 338 16.05 24.66 -6.93
CA LEU A 338 15.96 25.49 -5.74
C LEU A 338 16.32 24.63 -4.54
N SER A 339 17.36 25.02 -3.81
CA SER A 339 17.82 24.29 -2.63
C SER A 339 17.43 25.07 -1.38
N TYR A 340 16.90 24.37 -0.37
CA TYR A 340 16.50 24.97 0.90
C TYR A 340 17.53 24.61 1.98
N PRO A 341 18.21 25.58 2.62
CA PRO A 341 19.16 25.20 3.70
C PRO A 341 18.43 24.72 4.98
N ASN A 342 17.20 25.18 5.19
CA ASN A 342 16.34 24.85 6.33
C ASN A 342 15.48 23.61 6.10
N PHE A 343 14.85 23.09 7.19
CA PHE A 343 13.86 22.02 7.11
C PHE A 343 12.64 22.65 6.43
N ILE A 344 11.91 21.87 5.61
CA ILE A 344 10.79 22.41 4.81
C ILE A 344 9.51 21.75 5.24
N SER A 345 8.62 22.53 5.86
CA SER A 345 7.31 22.00 6.26
C SER A 345 6.36 22.11 5.04
N THR A 346 5.57 21.07 4.83
CA THR A 346 4.64 21.01 3.71
C THR A 346 3.34 20.39 4.29
N SER A 347 2.25 20.40 3.51
CA SER A 347 1.00 19.77 3.94
C SER A 347 0.54 18.74 2.93
N ILE A 348 -0.16 17.66 3.37
CA ILE A 348 -0.75 16.77 2.37
C ILE A 348 -1.99 17.45 1.71
N GLY A 349 -2.47 18.54 2.30
CA GLY A 349 -3.61 19.28 1.76
C GLY A 349 -3.19 20.52 0.99
N SER A 350 -3.91 20.82 -0.11
CA SER A 350 -3.61 21.99 -0.95
C SER A 350 -4.41 23.22 -0.53
N VAL A 351 -5.36 23.08 0.42
CA VAL A 351 -6.25 24.16 0.84
C VAL A 351 -5.51 25.35 1.40
N ASN A 352 -6.11 26.53 1.28
CA ASN A 352 -5.53 27.71 1.89
C ASN A 352 -5.74 27.60 3.42
N MET A 353 -4.83 28.19 4.20
CA MET A 353 -4.85 28.15 5.68
C MET A 353 -4.73 29.60 6.21
N SER A 354 -5.40 29.93 7.33
CA SER A 354 -5.37 31.28 7.91
C SER A 354 -3.96 31.79 8.23
N ALA A 355 -3.05 30.91 8.74
CA ALA A 355 -1.66 31.31 9.05
C ALA A 355 -0.89 31.82 7.82
N PHE A 356 -1.27 31.37 6.61
CA PHE A 356 -0.56 31.75 5.37
C PHE A 356 -1.52 32.20 4.26
N ALA A 357 -2.65 32.82 4.67
CA ALA A 357 -3.73 33.32 3.81
C ALA A 357 -3.29 34.16 2.61
N LYS A 358 -2.31 35.05 2.79
CA LYS A 358 -1.88 36.00 1.75
C LYS A 358 -0.68 35.53 0.91
N ARG A 359 0.03 34.44 1.32
CA ARG A 359 1.18 33.93 0.57
C ARG A 359 0.78 33.63 -0.89
N LYS A 360 1.50 34.22 -1.86
CA LYS A 360 1.14 34.12 -3.27
C LYS A 360 1.73 32.94 -4.02
N ILE A 361 2.66 32.21 -3.40
CA ILE A 361 3.35 31.12 -4.10
C ILE A 361 3.03 29.81 -3.45
N VAL A 362 2.43 28.89 -4.21
CA VAL A 362 2.11 27.55 -3.74
C VAL A 362 3.10 26.60 -4.38
N LEU A 363 3.98 26.04 -3.56
CA LEU A 363 4.96 25.09 -4.02
C LEU A 363 4.33 23.72 -3.90
N ARG A 364 4.06 23.09 -5.05
CA ARG A 364 3.45 21.76 -5.18
C ARG A 364 4.57 20.77 -5.51
N ILE A 365 4.98 20.03 -4.49
CA ILE A 365 6.13 19.15 -4.57
C ILE A 365 5.75 17.69 -4.72
N THR A 366 6.37 17.01 -5.69
CA THR A 366 6.25 15.58 -5.79
C THR A 366 7.49 14.99 -5.11
N ILE A 367 7.25 14.22 -4.07
CA ILE A 367 8.26 13.51 -3.28
C ILE A 367 8.35 12.09 -3.84
N PRO A 368 9.48 11.68 -4.45
CA PRO A 368 9.60 10.29 -4.90
C PRO A 368 9.68 9.32 -3.71
N LYS A 369 9.14 8.13 -3.94
CA LYS A 369 9.19 7.00 -3.01
C LYS A 369 10.65 6.82 -2.53
N GLY A 370 10.81 6.65 -1.22
CA GLY A 370 12.11 6.41 -0.62
C GLY A 370 12.81 7.66 -0.13
N SER A 371 12.18 8.85 -0.33
CA SER A 371 12.76 10.11 0.14
C SER A 371 12.71 10.22 1.65
N PRO A 372 13.68 10.89 2.31
CA PRO A 372 13.50 11.17 3.74
C PRO A 372 12.25 12.06 3.92
N GLY A 373 11.64 11.95 5.06
CA GLY A 373 10.46 12.74 5.39
C GLY A 373 9.58 12.00 6.37
N ALA A 374 8.62 12.71 6.96
CA ALA A 374 7.71 12.10 7.92
C ALA A 374 6.47 12.93 8.06
N TYR A 375 5.33 12.24 8.29
CA TYR A 375 4.06 12.86 8.57
C TYR A 375 4.03 13.20 10.07
N LEU A 376 4.50 14.42 10.42
CA LEU A 376 4.57 14.88 11.81
C LEU A 376 3.21 14.99 12.52
N SER A 377 2.14 15.21 11.74
CA SER A 377 0.79 15.37 12.29
C SER A 377 0.22 14.03 12.81
N ALA A 378 0.98 12.91 12.66
CA ALA A 378 0.62 11.61 13.28
C ALA A 378 0.87 11.70 14.83
N ILE A 379 1.62 12.76 15.29
CA ILE A 379 1.88 13.04 16.71
C ILE A 379 0.69 13.91 17.16
N PRO A 380 -0.08 13.49 18.20
CA PRO A 380 -1.25 14.29 18.61
C PRO A 380 -0.95 15.66 19.21
N GLY A 381 -1.94 16.56 19.10
CA GLY A 381 -1.91 17.92 19.62
C GLY A 381 -0.95 18.88 18.96
N TYR A 382 -0.66 18.69 17.66
CA TYR A 382 0.27 19.55 16.92
C TYR A 382 -0.43 20.63 16.10
N ALA A 383 0.14 21.87 16.14
CA ALA A 383 -0.33 23.07 15.44
C ALA A 383 -0.35 22.93 13.91
N GLY A 384 0.71 22.34 13.34
CA GLY A 384 0.86 22.16 11.90
C GLY A 384 -0.30 21.39 11.30
N GLU A 385 -0.77 21.83 10.12
CA GLU A 385 -1.91 21.19 9.48
C GLU A 385 -1.49 20.16 8.46
N TYR A 386 -1.67 18.87 8.84
CA TYR A 386 -1.47 17.64 8.05
C TYR A 386 -0.09 17.68 7.44
N GLU A 387 0.85 17.88 8.33
CA GLU A 387 2.22 18.22 8.01
C GLU A 387 3.14 17.06 7.67
N VAL A 388 3.90 17.27 6.58
CA VAL A 388 5.02 16.42 6.15
C VAL A 388 6.29 17.30 6.23
N LEU A 389 7.29 16.88 7.02
CA LEU A 389 8.52 17.66 7.11
C LEU A 389 9.54 17.02 6.18
N LEU A 390 10.20 17.85 5.37
CA LEU A 390 11.28 17.43 4.47
C LEU A 390 12.63 17.83 5.04
N ASN A 391 13.64 17.02 4.74
CA ASN A 391 15.01 17.25 5.25
C ASN A 391 15.64 18.59 4.81
N HIS A 392 16.44 19.19 5.69
CA HIS A 392 17.18 20.41 5.39
C HIS A 392 18.20 20.08 4.28
N GLY A 393 18.43 21.04 3.40
CA GLY A 393 19.34 20.87 2.28
C GLY A 393 18.66 20.24 1.07
N SER A 394 17.33 20.00 1.18
CA SER A 394 16.57 19.43 0.05
C SER A 394 16.64 20.33 -1.19
N LYS A 395 16.77 19.72 -2.36
CA LYS A 395 16.83 20.39 -3.67
C LYS A 395 15.56 20.04 -4.44
N PHE A 396 14.99 21.02 -5.11
CA PHE A 396 13.76 20.87 -5.88
C PHE A 396 13.95 21.29 -7.33
N LYS A 397 13.55 20.44 -8.29
CA LYS A 397 13.60 20.81 -9.71
C LYS A 397 12.25 21.44 -10.06
N ILE A 398 12.25 22.69 -10.52
CA ILE A 398 10.97 23.34 -10.90
C ILE A 398 10.66 22.97 -12.35
N ASN A 399 9.57 22.24 -12.56
CA ASN A 399 9.19 21.74 -13.88
C ASN A 399 8.30 22.69 -14.64
N LYS A 400 7.36 23.33 -13.95
CA LYS A 400 6.35 24.15 -14.63
C LYS A 400 5.74 25.10 -13.62
N ILE A 401 5.39 26.31 -14.07
CA ILE A 401 4.72 27.26 -13.21
C ILE A 401 3.39 27.67 -13.85
N ASP A 402 2.31 27.68 -13.07
CA ASP A 402 0.98 28.10 -13.52
C ASP A 402 0.49 29.21 -12.61
N SER A 403 -0.52 29.94 -13.07
CA SER A 403 -1.12 31.00 -12.27
C SER A 403 -2.63 30.75 -12.14
N TYR A 404 -3.23 31.36 -11.12
CA TYR A 404 -4.67 31.29 -10.86
C TYR A 404 -5.10 32.51 -10.09
N LYS A 405 -6.40 32.79 -10.07
CA LYS A 405 -6.91 33.93 -9.31
C LYS A 405 -7.54 33.49 -8.01
N ASP A 406 -7.07 34.05 -6.90
CA ASP A 406 -7.62 33.84 -5.58
C ASP A 406 -8.31 35.19 -5.27
N GLY A 407 -9.55 35.31 -5.71
CA GLY A 407 -10.29 36.57 -5.60
C GLY A 407 -9.78 37.48 -6.70
N THR A 408 -9.21 38.64 -6.32
CA THR A 408 -8.61 39.60 -7.27
C THR A 408 -7.06 39.53 -7.20
N ILE A 409 -6.52 38.56 -6.44
CA ILE A 409 -5.07 38.38 -6.30
C ILE A 409 -4.62 37.16 -7.11
N THR A 410 -3.64 37.36 -8.00
CA THR A 410 -3.07 36.26 -8.77
C THR A 410 -2.04 35.53 -7.89
N LYS A 411 -2.15 34.20 -7.84
CA LYS A 411 -1.19 33.37 -7.10
C LYS A 411 -0.55 32.41 -8.10
N LEU A 412 0.60 31.83 -7.73
CA LEU A 412 1.32 30.93 -8.60
C LEU A 412 1.34 29.52 -8.04
N ILE A 413 1.30 28.52 -8.93
CA ILE A 413 1.45 27.12 -8.53
C ILE A 413 2.76 26.66 -9.18
N VAL A 414 3.74 26.34 -8.32
CA VAL A 414 5.07 25.93 -8.73
C VAL A 414 5.13 24.39 -8.64
N ASP A 415 5.09 23.73 -9.82
CA ASP A 415 5.13 22.26 -9.92
C ASP A 415 6.60 21.84 -9.86
N ALA A 416 7.00 21.30 -8.70
CA ALA A 416 8.38 20.89 -8.47
C ALA A 416 8.53 19.45 -8.05
N THR A 417 9.72 18.88 -8.26
CA THR A 417 10.04 17.52 -7.84
C THR A 417 11.21 17.53 -6.87
N LEU A 418 11.10 16.80 -5.78
CA LEU A 418 12.23 16.67 -4.86
C LEU A 418 13.31 15.81 -5.54
N ILE A 419 14.57 16.30 -5.53
CA ILE A 419 15.73 15.61 -6.14
C ILE A 419 16.39 14.62 -5.15
N PRO A 420 16.70 13.36 -5.55
CA PRO A 420 17.35 12.43 -4.60
C PRO A 420 18.88 12.56 -4.59
N THR B 5 20.44 6.64 4.47
CA THR B 5 20.04 5.53 5.37
C THR B 5 20.00 6.03 6.82
N TYR B 6 19.13 5.44 7.63
CA TYR B 6 19.02 5.80 9.06
C TYR B 6 20.27 5.30 9.78
N LYS B 7 20.89 6.17 10.62
CA LYS B 7 22.05 5.79 11.43
CA LYS B 7 22.04 5.77 11.43
C LYS B 7 21.53 5.17 12.74
N ALA B 8 21.71 3.85 12.94
CA ALA B 8 21.23 3.17 14.14
C ALA B 8 21.97 3.71 15.39
N PRO B 9 21.36 3.74 16.62
CA PRO B 9 22.13 4.22 17.80
C PRO B 9 23.29 3.30 18.15
N ILE B 10 23.14 1.98 17.89
CA ILE B 10 24.18 0.96 18.12
C ILE B 10 24.31 0.13 16.84
N GLU B 11 25.39 0.37 16.09
CA GLU B 11 25.67 -0.23 14.78
C GLU B 11 25.81 -1.77 14.84
N ARG B 12 25.30 -2.43 13.81
CA ARG B 12 25.39 -3.89 13.69
C ARG B 12 25.34 -4.31 12.22
N PRO B 13 25.91 -5.47 11.87
CA PRO B 13 25.68 -6.01 10.52
C PRO B 13 24.22 -6.56 10.45
N GLU B 14 23.76 -6.98 9.25
CA GLU B 14 22.45 -7.63 9.20
C GLU B 14 22.58 -9.06 9.76
N ASP B 15 23.76 -9.67 9.62
CA ASP B 15 23.94 -11.04 10.11
C ASP B 15 25.28 -11.13 10.83
N PHE B 16 25.28 -11.48 12.12
CA PHE B 16 26.49 -11.67 12.93
C PHE B 16 27.21 -12.99 12.59
N LEU B 17 26.55 -13.84 11.78
CA LEU B 17 27.04 -15.16 11.35
C LEU B 17 27.47 -15.99 12.57
N LYS B 18 28.73 -16.47 12.65
CA LYS B 18 29.14 -17.28 13.81
C LYS B 18 29.78 -16.45 14.95
N ASP B 19 29.81 -15.13 14.79
CA ASP B 19 30.51 -14.28 15.75
C ASP B 19 29.69 -14.04 17.03
N LYS B 20 29.68 -15.07 17.89
CA LYS B 20 29.00 -15.05 19.17
C LYS B 20 29.41 -13.83 20.01
N GLU B 21 30.75 -13.58 20.13
CA GLU B 21 31.27 -12.48 20.95
C GLU B 21 30.69 -11.13 20.53
N LYS B 22 30.71 -10.82 19.22
CA LYS B 22 30.19 -9.55 18.72
C LYS B 22 28.65 -9.48 18.83
N ALA B 23 27.96 -10.60 18.60
CA ALA B 23 26.49 -10.65 18.70
C ALA B 23 26.01 -10.43 20.14
N LYS B 24 26.69 -11.09 21.11
CA LYS B 24 26.34 -10.97 22.53
C LYS B 24 26.60 -9.58 23.07
N GLU B 25 27.71 -8.96 22.61
CA GLU B 25 28.07 -7.59 23.01
C GLU B 25 26.98 -6.61 22.54
N TRP B 26 26.56 -6.73 21.28
CA TRP B 26 25.52 -5.87 20.72
C TRP B 26 24.20 -6.10 21.47
N GLU B 27 23.80 -7.37 21.63
CA GLU B 27 22.56 -7.75 22.28
C GLU B 27 22.46 -7.15 23.67
N ARG B 28 23.54 -7.20 24.47
CA ARG B 28 23.55 -6.64 25.83
C ARG B 28 23.40 -5.10 25.81
N LYS B 29 24.11 -4.45 24.88
CA LYS B 29 24.07 -3.00 24.70
C LYS B 29 22.68 -2.55 24.28
N GLU B 30 22.05 -3.31 23.37
CA GLU B 30 20.72 -3.02 22.89
C GLU B 30 19.67 -3.26 23.99
N ALA B 31 19.84 -4.33 24.80
CA ALA B 31 18.93 -4.60 25.92
C ALA B 31 18.96 -3.45 26.91
N GLU B 32 20.16 -2.95 27.26
CA GLU B 32 20.27 -1.82 28.19
C GLU B 32 19.67 -0.54 27.60
N ARG B 33 19.85 -0.30 26.28
CA ARG B 33 19.29 0.87 25.57
C ARG B 33 17.77 0.84 25.57
N ILE B 34 17.19 -0.30 25.16
CA ILE B 34 15.74 -0.47 25.05
C ILE B 34 15.07 -0.45 26.43
N GLU B 35 15.74 -1.03 27.45
CA GLU B 35 15.22 -1.05 28.82
C GLU B 35 14.90 0.38 29.30
N GLN B 36 15.68 1.38 28.85
CA GLN B 36 15.47 2.80 29.20
C GLN B 36 14.18 3.37 28.58
N LYS B 37 13.61 2.76 27.51
CA LYS B 37 12.38 3.28 26.87
C LYS B 37 11.11 2.46 27.21
N LEU B 38 11.23 1.44 28.06
CA LEU B 38 10.09 0.61 28.46
C LEU B 38 9.31 1.30 29.57
N GLU B 39 7.99 1.10 29.59
CA GLU B 39 7.12 1.62 30.64
C GLU B 39 7.19 0.61 31.79
N ARG B 40 6.89 1.04 33.03
CA ARG B 40 6.89 0.13 34.17
C ARG B 40 5.99 -1.11 33.94
N SER B 41 4.81 -0.93 33.30
CA SER B 41 3.89 -2.06 33.02
C SER B 41 4.53 -3.08 32.05
N GLU B 42 5.36 -2.60 31.13
CA GLU B 42 6.09 -3.43 30.16
C GLU B 42 7.22 -4.19 30.85
N LYS B 43 7.97 -3.51 31.76
CA LYS B 43 9.04 -4.20 32.53
C LYS B 43 8.43 -5.28 33.42
N GLU B 44 7.25 -5.00 34.04
CA GLU B 44 6.52 -5.96 34.87
C GLU B 44 6.09 -7.19 34.08
N ALA B 45 5.56 -7.00 32.85
CA ALA B 45 5.18 -8.13 32.00
C ALA B 45 6.43 -8.94 31.57
N LEU B 46 7.56 -8.26 31.32
CA LEU B 46 8.83 -8.89 30.95
C LEU B 46 9.35 -9.76 32.13
N GLU B 47 9.18 -9.26 33.38
CA GLU B 47 9.55 -10.03 34.56
C GLU B 47 8.75 -11.34 34.66
N SER B 48 7.42 -11.30 34.39
CA SER B 48 6.57 -12.49 34.40
C SER B 48 7.00 -13.46 33.27
N TYR B 49 7.37 -12.92 32.11
CA TYR B 49 7.85 -13.70 30.96
C TYR B 49 9.17 -14.42 31.32
N LYS B 50 10.11 -13.70 31.97
CA LYS B 50 11.42 -14.20 32.42
C LYS B 50 11.24 -15.39 33.37
N LYS B 51 10.28 -15.29 34.32
CA LYS B 51 9.95 -16.35 35.29
C LYS B 51 9.39 -17.57 34.56
N ASP B 52 8.38 -17.37 33.68
CA ASP B 52 7.75 -18.46 32.93
C ASP B 52 7.27 -17.97 31.55
N SER B 53 7.88 -18.47 30.50
CA SER B 53 7.59 -18.07 29.13
C SER B 53 6.70 -19.06 28.37
N VAL B 54 6.55 -20.30 28.86
CA VAL B 54 5.82 -21.34 28.13
C VAL B 54 4.32 -21.05 27.97
N GLU B 55 3.58 -20.89 29.06
CA GLU B 55 2.12 -20.68 28.96
C GLU B 55 1.74 -19.37 28.25
N ILE B 56 2.48 -18.29 28.52
CA ILE B 56 2.24 -17.00 27.85
C ILE B 56 2.52 -17.13 26.34
N SER B 57 3.59 -17.85 25.96
CA SER B 57 3.92 -18.07 24.54
C SER B 57 2.82 -18.91 23.89
N LYS B 58 2.34 -19.98 24.57
CA LYS B 58 1.26 -20.80 24.01
C LYS B 58 -0.03 -19.98 23.84
N TYR B 59 -0.33 -19.11 24.83
CA TYR B 59 -1.52 -18.24 24.79
C TYR B 59 -1.44 -17.31 23.56
N SER B 60 -0.27 -16.71 23.34
CA SER B 60 -0.04 -15.78 22.22
C SER B 60 -0.27 -16.39 20.85
N GLN B 61 -0.12 -17.72 20.72
CA GLN B 61 -0.31 -18.40 19.43
C GLN B 61 -1.78 -18.51 19.02
N THR B 62 -2.68 -18.70 20.00
CA THR B 62 -4.08 -18.98 19.68
C THR B 62 -5.09 -18.03 20.27
N ARG B 63 -4.66 -17.03 21.05
CA ARG B 63 -5.57 -16.06 21.68
C ARG B 63 -6.65 -15.48 20.75
N ASN B 64 -6.31 -15.22 19.46
CA ASN B 64 -7.20 -14.57 18.50
C ASN B 64 -8.30 -15.46 17.91
N TYR B 65 -8.34 -16.77 18.28
CA TYR B 65 -9.38 -17.70 17.78
C TYR B 65 -10.61 -17.77 18.71
N PHE B 66 -10.55 -17.07 19.83
CA PHE B 66 -11.65 -17.08 20.78
C PHE B 66 -12.66 -15.98 20.46
N TYR B 67 -13.78 -15.94 21.18
CA TYR B 67 -14.74 -14.85 21.00
C TYR B 67 -14.06 -13.54 21.48
N ASP B 68 -14.49 -12.37 20.97
CA ASP B 68 -13.97 -11.09 21.45
C ASP B 68 -14.09 -10.99 23.00
N TYR B 69 -15.24 -11.41 23.58
CA TYR B 69 -15.41 -11.33 25.06
C TYR B 69 -14.50 -12.29 25.83
N GLN B 70 -14.19 -13.45 25.24
CA GLN B 70 -13.27 -14.42 25.82
C GLN B 70 -11.84 -13.86 25.85
N ILE B 71 -11.43 -13.19 24.76
CA ILE B 71 -10.10 -12.57 24.66
C ILE B 71 -9.96 -11.56 25.80
N GLU B 72 -10.93 -10.67 25.92
CA GLU B 72 -10.95 -9.64 26.95
C GLU B 72 -10.92 -10.25 28.38
N ALA B 73 -11.67 -11.33 28.59
CA ALA B 73 -11.79 -11.97 29.90
C ALA B 73 -10.59 -12.86 30.30
N ASN B 74 -9.77 -13.29 29.31
CA ASN B 74 -8.62 -14.17 29.62
C ASN B 74 -7.62 -13.52 30.59
N SER B 75 -7.23 -14.27 31.64
CA SER B 75 -6.31 -13.77 32.67
C SER B 75 -4.91 -13.43 32.13
N ARG B 76 -4.54 -13.98 30.95
CA ARG B 76 -3.24 -13.72 30.34
C ARG B 76 -3.26 -12.57 29.33
N GLU B 77 -4.43 -12.02 29.01
CA GLU B 77 -4.56 -10.98 27.97
C GLU B 77 -3.77 -9.68 28.28
N LYS B 78 -3.84 -9.22 29.53
CA LYS B 78 -3.16 -7.98 29.93
C LYS B 78 -1.66 -8.13 29.72
N GLU B 79 -1.10 -9.27 30.16
CA GLU B 79 0.32 -9.60 30.02
C GLU B 79 0.69 -9.71 28.52
N TYR B 80 -0.17 -10.36 27.72
CA TYR B 80 0.04 -10.51 26.29
C TYR B 80 0.14 -9.10 25.67
N LYS B 81 -0.84 -8.22 25.94
CA LYS B 81 -0.80 -6.86 25.34
C LYS B 81 0.44 -6.06 25.75
N GLU B 82 0.86 -6.12 27.02
CA GLU B 82 2.04 -5.40 27.51
C GLU B 82 3.33 -5.88 26.83
N LEU B 83 3.48 -7.20 26.69
CA LEU B 83 4.65 -7.80 26.02
C LEU B 83 4.60 -7.47 24.50
N ARG B 84 3.41 -7.54 23.87
CA ARG B 84 3.23 -7.20 22.45
C ARG B 84 3.69 -5.73 22.23
N ASN B 85 3.25 -4.81 23.13
CA ASN B 85 3.60 -3.38 23.08
C ASN B 85 5.10 -3.14 23.24
N ALA B 86 5.74 -3.83 24.22
CA ALA B 86 7.17 -3.70 24.49
C ALA B 86 7.98 -4.04 23.24
N ILE B 87 7.61 -5.13 22.56
CA ILE B 87 8.30 -5.58 21.33
C ILE B 87 8.01 -4.62 20.16
N SER B 88 6.70 -4.27 19.95
CA SER B 88 6.23 -3.41 18.85
CA SER B 88 6.26 -3.42 18.83
C SER B 88 6.78 -2.00 18.89
N LYS B 89 7.26 -1.58 20.08
CA LYS B 89 7.87 -0.25 20.30
C LYS B 89 9.35 -0.26 19.92
N ASN B 90 9.91 -1.44 19.52
CA ASN B 90 11.31 -1.58 19.14
C ASN B 90 11.47 -2.26 17.76
N LYS B 91 10.91 -1.59 16.74
CA LYS B 91 10.93 -2.08 15.35
C LYS B 91 12.33 -1.84 14.78
N ILE B 92 12.97 -2.89 14.25
CA ILE B 92 14.34 -2.77 13.73
C ILE B 92 14.42 -1.86 12.50
N ASP B 93 15.48 -1.04 12.40
CA ASP B 93 15.68 -0.09 11.30
C ASP B 93 16.17 -0.78 10.03
N LYS B 94 16.71 -2.02 10.12
CA LYS B 94 17.13 -2.78 8.92
C LYS B 94 16.92 -4.28 9.17
N PRO B 95 16.95 -5.17 8.15
CA PRO B 95 16.77 -6.60 8.43
C PRO B 95 17.76 -7.16 9.44
N MET B 96 17.38 -8.25 10.08
CA MET B 96 18.22 -8.96 11.02
C MET B 96 18.04 -10.44 10.76
N TYR B 97 19.14 -11.13 10.50
CA TYR B 97 19.09 -12.59 10.34
C TYR B 97 19.15 -13.17 11.74
N VAL B 98 18.22 -14.09 12.04
CA VAL B 98 18.16 -14.71 13.38
C VAL B 98 18.26 -16.20 13.25
N TYR B 99 18.56 -16.86 14.36
CA TYR B 99 18.78 -18.29 14.41
C TYR B 99 18.03 -18.91 15.57
N TYR B 100 17.45 -20.09 15.35
CA TYR B 100 16.79 -20.84 16.42
C TYR B 100 16.57 -22.24 15.96
N PHE B 101 16.65 -23.19 16.89
CA PHE B 101 16.37 -24.59 16.61
C PHE B 101 14.89 -24.80 16.54
N GLU B 102 14.49 -25.72 15.69
CA GLU B 102 13.11 -26.03 15.45
C GLU B 102 12.92 -27.56 15.34
N SER B 103 11.72 -28.03 15.67
CA SER B 103 11.36 -29.42 15.47
C SER B 103 10.98 -29.57 13.99
N PRO B 104 11.42 -30.66 13.31
CA PRO B 104 10.98 -30.89 11.93
C PRO B 104 9.46 -31.08 11.83
N GLU B 105 8.78 -31.48 12.92
CA GLU B 105 7.32 -31.63 12.94
C GLU B 105 6.60 -30.29 12.67
N LYS B 106 7.31 -29.14 12.94
CA LYS B 106 6.75 -27.81 12.69
C LYS B 106 6.38 -27.66 11.18
N PHE B 107 7.08 -28.40 10.30
CA PHE B 107 6.84 -28.34 8.86
C PHE B 107 6.23 -29.62 8.34
N ALA B 108 5.59 -30.37 9.24
CA ALA B 108 4.89 -31.63 8.94
C ALA B 108 5.84 -32.75 8.44
N PHE B 109 7.08 -32.75 8.92
CA PHE B 109 8.04 -33.82 8.64
C PHE B 109 7.96 -34.71 9.89
N ASN B 110 7.44 -35.94 9.74
CA ASN B 110 7.23 -36.78 10.91
C ASN B 110 8.25 -37.90 11.11
N LYS B 111 9.36 -37.86 10.36
CA LYS B 111 10.44 -38.83 10.50
C LYS B 111 11.54 -38.16 11.31
N VAL B 112 12.46 -38.94 11.86
CA VAL B 112 13.61 -38.45 12.61
C VAL B 112 14.68 -38.03 11.57
N ILE B 113 15.28 -36.83 11.68
CA ILE B 113 16.32 -36.40 10.73
C ILE B 113 17.61 -37.26 10.97
N ARG B 114 17.95 -37.44 12.23
CA ARG B 114 19.02 -38.30 12.75
C ARG B 114 18.80 -38.37 14.24
N THR B 115 19.28 -39.44 14.88
CA THR B 115 19.14 -39.53 16.34
C THR B 115 20.14 -38.54 16.94
N GLU B 116 19.99 -38.20 18.22
CA GLU B 116 20.87 -37.27 18.92
C GLU B 116 22.32 -37.79 18.93
N ASN B 117 22.49 -39.12 19.10
CA ASN B 117 23.79 -39.80 19.16
C ASN B 117 24.53 -39.82 17.82
N GLN B 118 23.80 -39.95 16.69
CA GLN B 118 24.37 -39.98 15.34
C GLN B 118 25.05 -38.67 15.00
N ASN B 119 26.17 -38.74 14.26
CA ASN B 119 26.92 -37.55 13.84
C ASN B 119 26.50 -37.11 12.47
N GLU B 120 26.06 -38.05 11.63
CA GLU B 120 25.73 -37.72 10.25
C GLU B 120 24.25 -37.78 9.94
N ILE B 121 23.86 -37.03 8.90
CA ILE B 121 22.51 -37.03 8.35
C ILE B 121 22.62 -37.67 7.00
N SER B 122 21.83 -38.73 6.78
CA SER B 122 21.86 -39.46 5.54
C SER B 122 21.30 -38.62 4.38
N LEU B 123 21.76 -38.92 3.18
CA LEU B 123 21.31 -38.24 1.96
C LEU B 123 19.77 -38.30 1.83
N GLU B 124 19.19 -39.49 2.08
CA GLU B 124 17.75 -39.73 1.96
C GLU B 124 16.95 -38.90 2.96
N LYS B 125 17.38 -38.84 4.24
CA LYS B 125 16.69 -38.00 5.22
C LYS B 125 16.76 -36.53 4.84
N PHE B 126 17.96 -36.07 4.43
CA PHE B 126 18.19 -34.70 3.98
C PHE B 126 17.24 -34.34 2.81
N ASN B 127 17.19 -35.17 1.74
CA ASN B 127 16.34 -34.92 0.57
C ASN B 127 14.83 -35.06 0.85
N GLU B 128 14.45 -36.01 1.72
CA GLU B 128 13.04 -36.18 2.14
C GLU B 128 12.58 -34.92 2.88
N PHE B 129 13.45 -34.41 3.77
CA PHE B 129 13.18 -33.17 4.49
C PHE B 129 13.07 -31.98 3.52
N LYS B 130 14.02 -31.86 2.57
CA LYS B 130 14.05 -30.80 1.55
C LYS B 130 12.70 -30.76 0.82
N GLU B 131 12.20 -31.90 0.33
CA GLU B 131 10.93 -31.92 -0.41
C GLU B 131 9.72 -31.63 0.47
N THR B 132 9.82 -31.90 1.78
CA THR B 132 8.73 -31.57 2.70
C THR B 132 8.70 -30.05 2.98
N ILE B 133 9.85 -29.46 3.35
CA ILE B 133 9.88 -28.04 3.78
C ILE B 133 9.93 -26.95 2.67
N GLN B 134 10.69 -27.10 1.57
N GLN B 134 10.51 -27.25 1.50
CA GLN B 134 10.99 -25.98 0.66
CA GLN B 134 10.58 -26.32 0.38
C GLN B 134 9.87 -25.34 -0.22
C GLN B 134 9.24 -26.21 -0.32
N ASN B 135 8.95 -26.12 -0.80
N ASN B 135 9.12 -25.21 -1.22
CA ASN B 135 7.97 -25.60 -1.77
CA ASN B 135 7.98 -24.93 -2.10
C ASN B 135 6.64 -25.15 -1.12
C ASN B 135 6.67 -24.56 -1.36
N LYS B 136 6.73 -24.35 -0.01
CA LYS B 136 5.52 -23.97 0.76
C LYS B 136 5.62 -22.71 1.62
N LEU B 137 4.45 -22.12 1.95
CA LEU B 137 4.39 -21.02 2.90
C LEU B 137 3.93 -21.67 4.22
N PHE B 138 4.56 -21.27 5.33
CA PHE B 138 4.18 -21.75 6.67
C PHE B 138 3.97 -20.58 7.60
N LYS B 139 2.79 -20.51 8.25
CA LYS B 139 2.58 -19.43 9.24
C LYS B 139 3.36 -19.73 10.53
N GLN B 140 4.06 -18.70 11.07
CA GLN B 140 4.77 -18.77 12.35
C GLN B 140 4.09 -17.75 13.26
N ASP B 141 3.72 -18.17 14.48
CA ASP B 141 3.02 -17.26 15.41
C ASP B 141 3.42 -17.47 16.82
N GLY B 142 3.33 -16.39 17.59
CA GLY B 142 3.57 -16.41 19.02
C GLY B 142 4.92 -15.91 19.45
N PHE B 143 5.04 -15.58 20.75
CA PHE B 143 6.28 -15.13 21.34
C PHE B 143 7.33 -16.23 21.20
N LYS B 144 8.56 -15.83 20.96
CA LYS B 144 9.69 -16.76 20.81
C LYS B 144 11.01 -16.07 21.10
N ASP B 145 11.91 -16.78 21.80
CA ASP B 145 13.27 -16.30 22.04
C ASP B 145 14.11 -16.79 20.87
N ILE B 146 14.91 -15.89 20.31
CA ILE B 146 15.78 -16.27 19.19
C ILE B 146 17.22 -15.91 19.51
N SER B 147 18.17 -16.41 18.69
CA SER B 147 19.59 -16.11 18.86
CA SER B 147 19.59 -16.12 18.86
C SER B 147 20.01 -15.20 17.71
N LEU B 148 20.95 -14.32 17.97
CA LEU B 148 21.45 -13.37 16.97
C LEU B 148 22.71 -13.86 16.22
N TYR B 149 23.12 -15.11 16.47
CA TYR B 149 24.31 -15.67 15.81
C TYR B 149 24.09 -17.18 15.69
N GLU B 150 24.89 -17.81 14.84
CA GLU B 150 24.78 -19.24 14.60
C GLU B 150 25.35 -19.98 15.80
N PRO B 151 24.53 -20.82 16.49
CA PRO B 151 25.02 -21.55 17.66
C PRO B 151 26.28 -22.37 17.41
N GLY B 152 27.21 -22.28 18.36
CA GLY B 152 28.51 -22.93 18.27
C GLY B 152 28.64 -24.07 19.25
N LYS B 153 29.90 -24.48 19.48
CA LYS B 153 30.28 -25.58 20.39
C LYS B 153 29.66 -25.47 21.77
N GLY B 154 29.76 -24.28 22.39
CA GLY B 154 29.25 -24.07 23.75
C GLY B 154 27.79 -23.73 23.90
N ASP B 155 26.98 -23.90 22.82
CA ASP B 155 25.57 -23.56 22.85
C ASP B 155 24.66 -24.78 22.88
N GLU B 156 23.42 -24.61 23.41
CA GLU B 156 22.42 -25.69 23.48
C GLU B 156 21.94 -25.95 22.05
N LYS B 157 21.92 -27.23 21.64
CA LYS B 157 21.53 -27.63 20.28
C LYS B 157 20.50 -28.74 20.39
N PRO B 158 19.22 -28.35 20.66
CA PRO B 158 18.19 -29.36 20.99
C PRO B 158 17.62 -30.23 19.86
N THR B 159 17.86 -29.86 18.62
CA THR B 159 17.34 -30.64 17.51
C THR B 159 18.40 -30.66 16.40
N PRO B 160 18.25 -31.52 15.37
CA PRO B 160 19.17 -31.45 14.22
C PRO B 160 18.74 -30.35 13.20
N LEU B 161 17.76 -29.49 13.54
CA LEU B 161 17.26 -28.49 12.60
C LEU B 161 17.41 -27.09 13.10
N LEU B 162 18.22 -26.31 12.37
CA LEU B 162 18.49 -24.91 12.69
C LEU B 162 17.84 -23.97 11.66
N MET B 163 16.95 -23.08 12.12
CA MET B 163 16.35 -22.07 11.26
C MET B 163 17.25 -20.86 11.21
N HIS B 164 17.48 -20.37 10.00
CA HIS B 164 18.27 -19.16 9.70
C HIS B 164 17.28 -18.23 8.95
N LEU B 165 16.59 -17.37 9.73
CA LEU B 165 15.49 -16.57 9.23
C LEU B 165 15.84 -15.10 9.05
N LYS B 166 15.51 -14.54 7.89
CA LYS B 166 15.73 -13.12 7.68
C LYS B 166 14.48 -12.36 8.13
N LEU B 167 14.61 -11.55 9.20
CA LEU B 167 13.53 -10.72 9.71
C LEU B 167 13.56 -9.42 8.93
N PRO B 168 12.43 -8.99 8.33
CA PRO B 168 12.48 -7.75 7.53
C PRO B 168 12.62 -6.50 8.37
N ARG B 169 12.95 -5.38 7.71
CA ARG B 169 12.97 -4.10 8.42
C ARG B 169 11.60 -3.87 9.07
N ASN B 170 11.57 -3.13 10.19
CA ASN B 170 10.37 -2.84 10.99
C ASN B 170 9.81 -4.07 11.78
N THR B 171 10.54 -5.20 11.84
CA THR B 171 10.08 -6.29 12.73
C THR B 171 10.36 -5.86 14.18
N GLY B 172 9.41 -6.09 15.07
CA GLY B 172 9.60 -5.82 16.50
C GLY B 172 10.62 -6.81 17.07
N MET B 173 11.61 -6.31 17.79
CA MET B 173 12.61 -7.23 18.37
C MET B 173 13.02 -6.69 19.72
N LEU B 174 12.96 -7.52 20.76
CA LEU B 174 13.23 -7.08 22.11
C LEU B 174 14.38 -7.82 22.83
N PRO B 175 15.64 -7.34 22.70
CA PRO B 175 16.73 -7.87 23.54
C PRO B 175 16.43 -7.51 25.00
N TYR B 176 16.68 -8.46 25.93
CA TYR B 176 16.40 -8.24 27.36
C TYR B 176 17.37 -9.09 28.20
N THR B 177 17.66 -8.62 29.41
CA THR B 177 18.56 -9.36 30.31
C THR B 177 17.72 -10.28 31.17
N ASN B 178 18.25 -11.46 31.44
CA ASN B 178 17.62 -12.44 32.33
C ASN B 178 18.74 -12.96 33.20
N THR B 179 18.80 -12.46 34.46
CA THR B 179 19.84 -12.75 35.46
C THR B 179 21.21 -12.33 34.89
N ASN B 180 22.13 -13.29 34.69
CA ASN B 180 23.46 -13.05 34.13
C ASN B 180 23.45 -13.20 32.60
N ASN B 181 22.33 -13.69 32.03
CA ASN B 181 22.17 -13.93 30.58
C ASN B 181 21.39 -12.84 29.83
N VAL B 182 21.45 -12.88 28.49
CA VAL B 182 20.71 -11.95 27.64
C VAL B 182 20.01 -12.76 26.52
N SER B 183 18.77 -12.40 26.19
CA SER B 183 18.02 -13.08 25.12
C SER B 183 17.32 -12.04 24.27
N THR B 184 16.68 -12.47 23.17
CA THR B 184 15.95 -11.54 22.30
C THR B 184 14.61 -12.15 22.02
N LEU B 185 13.54 -11.40 22.32
CA LEU B 185 12.17 -11.84 22.14
C LEU B 185 11.55 -11.20 20.89
N ILE B 186 10.79 -12.00 20.14
CA ILE B 186 10.02 -11.51 19.00
C ILE B 186 8.62 -12.09 19.16
N GLU B 187 7.62 -11.51 18.46
N GLU B 187 7.64 -11.46 18.51
CA GLU B 187 6.23 -11.96 18.47
CA GLU B 187 6.29 -11.97 18.42
C GLU B 187 5.90 -12.85 17.25
C GLU B 187 6.13 -12.32 16.95
N GLN B 188 6.82 -12.96 16.27
N GLN B 188 6.19 -13.62 16.66
CA GLN B 188 6.61 -13.71 15.02
CA GLN B 188 6.03 -14.11 15.30
C GLN B 188 5.36 -13.13 14.26
C GLN B 188 4.58 -13.87 14.87
N GLY B 189 4.42 -13.98 13.86
N GLY B 189 4.40 -13.56 13.61
CA GLY B 189 3.19 -13.58 13.15
CA GLY B 189 3.09 -13.32 13.02
C GLY B 189 3.39 -13.22 11.70
C GLY B 189 3.27 -13.15 11.54
N TYR B 190 3.83 -14.18 10.87
CA TYR B 190 4.11 -14.04 9.44
C TYR B 190 4.21 -15.38 8.75
N SER B 191 4.16 -15.35 7.41
CA SER B 191 4.37 -16.52 6.57
C SER B 191 5.88 -16.58 6.32
N ILE B 192 6.45 -17.78 6.40
CA ILE B 192 7.84 -17.98 5.99
C ILE B 192 7.90 -18.97 4.82
N LYS B 193 8.96 -18.87 4.04
CA LYS B 193 9.23 -19.82 2.98
C LYS B 193 10.71 -20.20 3.19
N ILE B 194 11.02 -21.46 2.96
CA ILE B 194 12.38 -21.98 3.07
C ILE B 194 12.91 -22.09 1.65
N ASP B 195 13.80 -21.16 1.26
CA ASP B 195 14.39 -21.06 -0.09
C ASP B 195 15.28 -22.27 -0.40
N LYS B 196 16.04 -22.72 0.60
CA LYS B 196 16.90 -23.90 0.45
C LYS B 196 17.32 -24.37 1.82
N ILE B 197 17.82 -25.61 1.87
CA ILE B 197 18.35 -26.20 3.07
C ILE B 197 19.82 -26.54 2.80
N VAL B 198 20.65 -26.40 3.84
CA VAL B 198 22.08 -26.64 3.74
C VAL B 198 22.52 -27.57 4.88
N ARG B 199 23.47 -28.49 4.61
CA ARG B 199 24.03 -29.33 5.65
C ARG B 199 25.17 -28.52 6.28
N ILE B 200 25.12 -28.27 7.60
CA ILE B 200 26.18 -27.56 8.33
C ILE B 200 26.74 -28.52 9.40
N VAL B 201 27.91 -28.21 9.93
CA VAL B 201 28.52 -29.04 10.95
C VAL B 201 28.81 -28.15 12.15
N ILE B 202 28.41 -28.62 13.33
CA ILE B 202 28.66 -27.96 14.61
C ILE B 202 29.25 -29.00 15.53
N ASP B 203 30.48 -28.75 16.02
CA ASP B 203 31.19 -29.69 16.89
C ASP B 203 31.17 -31.13 16.35
N GLY B 204 31.48 -31.28 15.06
CA GLY B 204 31.54 -32.59 14.41
C GLY B 204 30.22 -33.26 14.05
N LYS B 205 29.06 -32.63 14.35
CA LYS B 205 27.74 -33.23 14.04
C LYS B 205 27.07 -32.47 12.94
N HIS B 206 26.35 -33.18 12.06
CA HIS B 206 25.62 -32.53 10.96
C HIS B 206 24.31 -31.98 11.52
N TYR B 207 23.90 -30.84 10.98
CA TYR B 207 22.60 -30.19 11.26
C TYR B 207 22.08 -29.70 9.93
N ILE B 208 20.77 -29.61 9.83
CA ILE B 208 20.15 -29.04 8.63
C ILE B 208 19.91 -27.56 8.99
N LYS B 209 20.43 -26.64 8.17
CA LYS B 209 20.19 -25.21 8.35
C LYS B 209 19.17 -24.80 7.28
N ALA B 210 17.98 -24.39 7.71
CA ALA B 210 16.93 -23.98 6.75
C ALA B 210 17.06 -22.47 6.53
N GLU B 211 17.36 -22.07 5.28
CA GLU B 211 17.48 -20.67 4.89
C GLU B 211 16.05 -20.16 4.64
N ALA B 212 15.52 -19.40 5.60
CA ALA B 212 14.13 -18.93 5.54
C ALA B 212 14.00 -17.42 5.36
N SER B 213 12.89 -17.01 4.73
CA SER B 213 12.57 -15.60 4.57
C SER B 213 11.08 -15.37 4.83
N VAL B 214 10.76 -14.18 5.27
CA VAL B 214 9.37 -13.77 5.53
C VAL B 214 8.77 -13.39 4.19
N VAL B 215 7.59 -13.94 3.87
CA VAL B 215 6.83 -13.59 2.67
C VAL B 215 5.73 -12.68 3.23
N SER B 216 5.90 -11.36 3.01
CA SER B 216 5.00 -10.33 3.55
CA SER B 216 5.01 -10.30 3.51
C SER B 216 3.54 -10.59 3.22
N SER B 217 2.69 -10.37 4.22
CA SER B 217 1.24 -10.55 4.07
C SER B 217 0.50 -9.77 5.15
N LEU B 218 -0.74 -9.45 4.85
CA LEU B 218 -1.63 -8.84 5.80
C LEU B 218 -2.31 -9.95 6.57
N ASP B 219 -2.34 -9.83 7.88
CA ASP B 219 -3.01 -10.81 8.72
C ASP B 219 -3.51 -10.07 9.94
N PHE B 220 -4.78 -9.66 9.89
CA PHE B 220 -5.37 -8.82 10.92
C PHE B 220 -5.72 -9.55 12.22
N LYS B 221 -5.83 -10.90 12.19
CA LYS B 221 -6.18 -11.72 13.37
C LYS B 221 -7.50 -11.21 14.01
N ASP B 222 -7.46 -10.78 15.26
CA ASP B 222 -8.67 -10.24 15.91
C ASP B 222 -8.84 -8.71 15.70
N ASP B 223 -7.84 -8.04 15.05
CA ASP B 223 -7.91 -6.57 14.83
C ASP B 223 -8.80 -6.27 13.61
N VAL B 224 -10.10 -6.48 13.78
CA VAL B 224 -11.09 -6.30 12.71
C VAL B 224 -11.21 -4.81 12.31
N SER B 225 -10.89 -3.86 13.23
CA SER B 225 -10.92 -2.43 12.88
C SER B 225 -9.86 -2.13 11.80
N LYS B 226 -8.60 -2.59 11.99
CA LYS B 226 -7.56 -2.38 10.98
C LYS B 226 -7.89 -3.12 9.68
N GLY B 227 -8.46 -4.32 9.80
CA GLY B 227 -8.82 -5.10 8.63
C GLY B 227 -9.93 -4.48 7.79
N ASP B 228 -10.96 -3.95 8.48
CA ASP B 228 -12.08 -3.26 7.85
C ASP B 228 -11.60 -1.97 7.16
N SER B 229 -10.65 -1.22 7.78
CA SER B 229 -10.09 0.01 7.21
CA SER B 229 -10.11 0.01 7.20
C SER B 229 -9.40 -0.34 5.89
N TRP B 230 -8.62 -1.43 5.91
CA TRP B 230 -7.93 -1.92 4.71
C TRP B 230 -8.94 -2.31 3.61
N GLY B 231 -9.92 -3.13 3.97
CA GLY B 231 -10.92 -3.63 3.04
C GLY B 231 -11.74 -2.52 2.41
N LYS B 232 -12.12 -1.54 3.23
CA LYS B 232 -12.86 -0.38 2.71
C LYS B 232 -11.98 0.52 1.84
N ALA B 233 -10.71 0.74 2.20
CA ALA B 233 -9.82 1.57 1.37
C ALA B 233 -9.68 1.00 -0.03
N ASN B 234 -9.68 -0.33 -0.13
CA ASN B 234 -9.43 -1.01 -1.39
C ASN B 234 -10.70 -1.38 -2.15
N TYR B 235 -11.84 -1.50 -1.44
CA TYR B 235 -13.07 -1.96 -2.12
C TYR B 235 -14.27 -1.00 -1.97
N ASN B 236 -14.09 0.21 -1.38
CA ASN B 236 -15.22 1.15 -1.27
C ASN B 236 -15.80 1.52 -2.67
N ASP B 237 -14.92 1.59 -3.68
CA ASP B 237 -15.28 1.96 -5.05
C ASP B 237 -15.50 0.75 -5.95
N TRP B 238 -15.47 -0.47 -5.38
CA TRP B 238 -15.61 -1.71 -6.16
C TRP B 238 -16.99 -1.85 -6.85
N SER B 239 -18.10 -1.60 -6.13
CA SER B 239 -19.47 -1.72 -6.65
C SER B 239 -19.64 -0.94 -7.98
N ASN B 240 -19.12 0.30 -8.01
CA ASN B 240 -19.18 1.18 -9.18
C ASN B 240 -18.31 0.74 -10.35
N LYS B 241 -17.38 -0.23 -10.13
CA LYS B 241 -16.53 -0.74 -11.19
C LYS B 241 -17.27 -1.82 -11.96
N LEU B 242 -18.33 -2.34 -11.38
CA LEU B 242 -19.09 -3.42 -12.00
C LEU B 242 -20.16 -2.92 -12.98
N THR B 243 -20.55 -3.79 -13.92
CA THR B 243 -21.68 -3.46 -14.79
C THR B 243 -22.94 -3.54 -13.88
N PRO B 244 -24.06 -2.82 -14.18
CA PRO B 244 -25.26 -2.95 -13.33
C PRO B 244 -25.73 -4.41 -13.12
N ASN B 245 -25.59 -5.30 -14.14
CA ASN B 245 -25.99 -6.72 -14.08
C ASN B 245 -25.10 -7.48 -13.12
N GLU B 246 -23.78 -7.19 -13.14
CA GLU B 246 -22.83 -7.82 -12.22
C GLU B 246 -23.15 -7.36 -10.81
N LEU B 247 -23.40 -6.04 -10.60
CA LEU B 247 -23.73 -5.51 -9.28
C LEU B 247 -25.04 -6.09 -8.75
N ALA B 248 -26.07 -6.20 -9.61
CA ALA B 248 -27.36 -6.76 -9.22
C ALA B 248 -27.20 -8.21 -8.73
N ASP B 249 -26.37 -9.01 -9.44
CA ASP B 249 -26.13 -10.42 -9.11
C ASP B 249 -25.30 -10.57 -7.84
N VAL B 250 -24.35 -9.66 -7.59
CA VAL B 250 -23.56 -9.67 -6.34
C VAL B 250 -24.49 -9.30 -5.17
N ASN B 251 -25.35 -8.27 -5.37
CA ASN B 251 -26.32 -7.86 -4.35
C ASN B 251 -27.32 -9.01 -4.06
N ASP B 252 -27.81 -9.72 -5.13
CA ASP B 252 -28.73 -10.84 -4.97
CA ASP B 252 -28.74 -10.85 -4.99
C ASP B 252 -28.08 -11.95 -4.15
N TYR B 253 -26.80 -12.27 -4.46
CA TYR B 253 -26.01 -13.28 -3.75
C TYR B 253 -25.95 -12.92 -2.26
N MET B 254 -25.57 -11.66 -1.96
CA MET B 254 -25.37 -11.12 -0.62
C MET B 254 -26.65 -11.06 0.24
N ARG B 255 -27.78 -10.77 -0.40
CA ARG B 255 -29.09 -10.63 0.24
C ARG B 255 -29.74 -11.96 0.63
N GLY B 256 -29.20 -13.07 0.15
CA GLY B 256 -29.74 -14.39 0.45
C GLY B 256 -29.66 -15.38 -0.70
N GLY B 257 -29.32 -14.90 -1.89
CA GLY B 257 -29.14 -15.73 -3.09
C GLY B 257 -28.01 -16.74 -2.96
N TYR B 258 -27.09 -16.53 -1.99
CA TYR B 258 -25.99 -17.48 -1.77
C TYR B 258 -26.49 -18.90 -1.51
N THR B 259 -27.64 -19.05 -0.82
CA THR B 259 -28.19 -20.39 -0.52
C THR B 259 -28.40 -21.18 -1.82
N ALA B 260 -29.17 -20.63 -2.77
CA ALA B 260 -29.52 -21.26 -4.03
C ALA B 260 -28.27 -21.49 -4.92
N ILE B 261 -27.43 -20.43 -5.08
CA ILE B 261 -26.22 -20.49 -5.92
C ILE B 261 -25.25 -21.56 -5.41
N ASN B 262 -24.91 -21.50 -4.10
CA ASN B 262 -23.95 -22.45 -3.53
C ASN B 262 -24.51 -23.88 -3.44
N ASN B 263 -25.82 -24.07 -3.13
CA ASN B 263 -26.38 -25.42 -3.13
C ASN B 263 -26.32 -26.04 -4.55
N TYR B 264 -26.63 -25.21 -5.58
CA TYR B 264 -26.58 -25.60 -6.99
C TYR B 264 -25.16 -26.02 -7.40
N LEU B 265 -24.14 -25.18 -7.06
CA LEU B 265 -22.74 -25.49 -7.35
C LEU B 265 -22.22 -26.76 -6.66
N ILE B 266 -22.54 -26.93 -5.36
CA ILE B 266 -22.13 -28.12 -4.57
C ILE B 266 -22.76 -29.42 -5.15
N SER B 267 -24.05 -29.36 -5.53
CA SER B 267 -24.75 -30.54 -6.09
C SER B 267 -24.42 -30.84 -7.56
N ASN B 268 -23.37 -30.15 -8.12
CA ASN B 268 -22.92 -30.27 -9.50
C ASN B 268 -24.06 -29.96 -10.52
N GLY B 269 -24.93 -29.03 -10.11
CA GLY B 269 -26.04 -28.51 -10.91
C GLY B 269 -25.69 -28.06 -12.32
N PRO B 270 -24.60 -27.25 -12.55
CA PRO B 270 -24.25 -26.86 -13.94
C PRO B 270 -24.08 -27.99 -14.95
N VAL B 271 -23.77 -29.22 -14.48
CA VAL B 271 -23.56 -30.42 -15.29
C VAL B 271 -24.80 -31.35 -15.26
N ASN B 272 -25.26 -31.77 -14.06
CA ASN B 272 -26.40 -32.67 -13.82
C ASN B 272 -27.74 -32.10 -14.30
N ASN B 273 -28.19 -30.97 -13.70
CA ASN B 273 -29.46 -30.30 -13.99
C ASN B 273 -29.22 -28.77 -14.28
N PRO B 274 -28.72 -28.41 -15.49
CA PRO B 274 -28.42 -26.99 -15.79
C PRO B 274 -29.55 -25.99 -15.57
N ASN B 275 -29.23 -24.89 -14.86
CA ASN B 275 -30.16 -23.79 -14.56
C ASN B 275 -29.53 -22.51 -15.17
N PRO B 276 -30.00 -22.05 -16.37
CA PRO B 276 -29.41 -20.85 -16.99
C PRO B 276 -29.48 -19.58 -16.14
N GLU B 277 -30.56 -19.41 -15.34
CA GLU B 277 -30.73 -18.24 -14.48
C GLU B 277 -29.61 -18.22 -13.43
N LEU B 278 -29.36 -19.37 -12.80
CA LEU B 278 -28.30 -19.50 -11.80
C LEU B 278 -26.94 -19.43 -12.45
N ASP B 279 -26.76 -20.05 -13.63
CA ASP B 279 -25.51 -20.02 -14.41
C ASP B 279 -25.10 -18.60 -14.77
N SER B 280 -26.07 -17.74 -15.10
CA SER B 280 -25.80 -16.35 -15.50
C SER B 280 -25.31 -15.59 -14.27
N LYS B 281 -25.98 -15.79 -13.11
CA LYS B 281 -25.59 -15.16 -11.84
C LYS B 281 -24.15 -15.54 -11.45
N ILE B 282 -23.80 -16.82 -11.62
CA ILE B 282 -22.47 -17.35 -11.30
C ILE B 282 -21.39 -16.71 -12.17
N THR B 283 -21.66 -16.59 -13.49
CA THR B 283 -20.73 -15.97 -14.46
C THR B 283 -20.49 -14.50 -14.08
N ASN B 284 -21.55 -13.77 -13.70
CA ASN B 284 -21.45 -12.36 -13.32
C ASN B 284 -20.73 -12.19 -12.01
N ILE B 285 -21.01 -13.05 -11.02
CA ILE B 285 -20.34 -12.98 -9.71
C ILE B 285 -18.83 -13.26 -9.87
N GLU B 286 -18.48 -14.31 -10.61
CA GLU B 286 -17.08 -14.66 -10.88
C GLU B 286 -16.37 -13.48 -11.58
N ASN B 287 -17.01 -12.92 -12.61
CA ASN B 287 -16.40 -11.79 -13.32
C ASN B 287 -16.18 -10.60 -12.37
N ALA B 288 -17.13 -10.35 -11.47
CA ALA B 288 -16.99 -9.23 -10.52
C ALA B 288 -15.80 -9.45 -9.62
N LEU B 289 -15.56 -10.72 -9.21
CA LEU B 289 -14.44 -11.05 -8.31
C LEU B 289 -13.09 -10.84 -9.00
N LYS B 290 -13.09 -10.88 -10.34
CA LYS B 290 -11.87 -10.66 -11.12
C LYS B 290 -11.60 -9.18 -11.39
N ARG B 291 -12.57 -8.29 -11.12
CA ARG B 291 -12.42 -6.86 -11.44
C ARG B 291 -11.28 -6.17 -10.69
N GLU B 292 -11.17 -6.41 -9.38
CA GLU B 292 -10.15 -5.80 -8.55
C GLU B 292 -9.55 -6.90 -7.70
N PRO B 293 -8.56 -7.63 -8.27
CA PRO B 293 -7.95 -8.74 -7.54
C PRO B 293 -7.36 -8.34 -6.20
N ILE B 294 -7.32 -9.27 -5.24
CA ILE B 294 -6.73 -9.00 -3.92
C ILE B 294 -5.34 -8.38 -4.18
N PRO B 295 -5.08 -7.13 -3.71
CA PRO B 295 -3.87 -6.42 -4.13
C PRO B 295 -2.58 -6.76 -3.42
N THR B 296 -2.66 -7.51 -2.32
CA THR B 296 -1.49 -7.88 -1.50
C THR B 296 -1.74 -9.27 -0.93
N ASN B 297 -0.69 -10.04 -0.57
CA ASN B 297 -0.91 -11.34 0.08
C ASN B 297 -1.77 -11.06 1.32
N LEU B 298 -2.88 -11.77 1.46
CA LEU B 298 -3.85 -11.52 2.54
C LEU B 298 -4.23 -12.81 3.22
N THR B 299 -4.27 -12.81 4.57
CA THR B 299 -4.69 -13.96 5.34
C THR B 299 -6.15 -13.75 5.72
N VAL B 300 -6.97 -14.75 5.46
CA VAL B 300 -8.39 -14.74 5.83
C VAL B 300 -8.71 -16.00 6.62
N TYR B 301 -9.87 -16.01 7.30
CA TYR B 301 -10.30 -17.09 8.17
C TYR B 301 -11.73 -17.49 7.88
N ARG B 302 -11.96 -18.81 7.91
CA ARG B 302 -13.24 -19.45 7.72
C ARG B 302 -13.33 -20.62 8.73
N ARG B 303 -14.53 -20.92 9.22
CA ARG B 303 -14.72 -22.11 10.07
C ARG B 303 -15.54 -23.16 9.36
N SER B 304 -15.10 -24.43 9.45
CA SER B 304 -15.72 -25.60 8.81
CA SER B 304 -15.73 -25.60 8.82
C SER B 304 -16.23 -26.64 9.80
N GLY B 305 -17.30 -27.33 9.40
CA GLY B 305 -17.94 -28.41 10.14
C GLY B 305 -17.31 -29.75 9.73
N PRO B 306 -17.82 -30.90 10.25
CA PRO B 306 -17.18 -32.19 9.90
C PRO B 306 -17.35 -32.68 8.47
N GLN B 307 -18.49 -32.33 7.83
CA GLN B 307 -18.86 -32.76 6.48
C GLN B 307 -17.85 -32.40 5.40
N GLU B 308 -17.15 -31.26 5.53
CA GLU B 308 -16.16 -30.77 4.55
C GLU B 308 -14.90 -31.65 4.45
N PHE B 309 -14.63 -32.46 5.48
CA PHE B 309 -13.47 -33.34 5.54
C PHE B 309 -13.88 -34.83 5.67
N GLY B 310 -15.02 -35.16 5.05
CA GLY B 310 -15.61 -36.48 4.98
C GLY B 310 -16.06 -37.07 6.30
N LEU B 311 -16.49 -36.21 7.25
CA LEU B 311 -16.93 -36.69 8.56
C LEU B 311 -18.34 -36.20 8.96
N THR B 312 -18.83 -36.72 10.10
CA THR B 312 -20.13 -36.34 10.70
C THR B 312 -19.82 -35.86 12.13
N LEU B 313 -20.82 -35.28 12.81
CA LEU B 313 -20.69 -34.81 14.19
C LEU B 313 -20.48 -36.00 15.16
N THR B 314 -21.02 -37.18 14.81
CA THR B 314 -20.94 -38.42 15.62
C THR B 314 -19.74 -39.33 15.24
N SER B 315 -18.95 -38.96 14.20
CA SER B 315 -17.75 -39.70 13.78
C SER B 315 -16.69 -39.74 14.90
N PRO B 316 -16.16 -40.93 15.29
CA PRO B 316 -15.09 -40.95 16.32
C PRO B 316 -13.84 -40.19 15.85
N GLU B 317 -13.69 -40.01 14.53
CA GLU B 317 -12.59 -39.29 13.90
C GLU B 317 -12.70 -37.76 14.11
N TYR B 318 -13.90 -37.25 14.49
CA TYR B 318 -14.15 -35.83 14.71
C TYR B 318 -13.89 -35.42 16.17
N ASP B 319 -13.78 -36.41 17.07
CA ASP B 319 -13.43 -36.15 18.46
C ASP B 319 -11.89 -35.96 18.55
N PHE B 320 -11.42 -34.68 18.48
CA PHE B 320 -10.01 -34.33 18.49
C PHE B 320 -9.43 -34.29 19.89
N ASN B 321 -10.27 -34.56 20.93
CA ASN B 321 -9.84 -34.65 22.33
C ASN B 321 -8.95 -35.89 22.51
N LYS B 322 -9.12 -36.90 21.63
CA LYS B 322 -8.32 -38.12 21.57
C LYS B 322 -7.11 -37.84 20.64
N LEU B 323 -5.90 -37.84 21.23
CA LEU B 323 -4.62 -37.53 20.56
C LEU B 323 -4.36 -38.37 19.30
N GLU B 324 -4.87 -39.62 19.25
CA GLU B 324 -4.76 -40.51 18.09
C GLU B 324 -5.63 -40.03 16.92
N ASN B 325 -6.69 -39.23 17.21
CA ASN B 325 -7.58 -38.71 16.17
C ASN B 325 -6.99 -37.47 15.51
N ILE B 326 -6.17 -36.70 16.26
CA ILE B 326 -5.51 -35.54 15.67
C ILE B 326 -4.49 -36.10 14.65
N ASP B 327 -3.54 -36.93 15.16
CA ASP B 327 -2.51 -37.60 14.37
C ASP B 327 -3.07 -38.21 13.08
N ALA B 328 -4.25 -38.84 13.16
CA ALA B 328 -4.94 -39.44 12.02
C ALA B 328 -5.44 -38.44 10.98
N PHE B 329 -6.01 -37.28 11.40
CA PHE B 329 -6.52 -36.23 10.48
C PHE B 329 -5.34 -35.52 9.77
N LYS B 330 -4.25 -35.26 10.51
CA LYS B 330 -3.03 -34.61 10.00
C LYS B 330 -2.42 -35.49 8.91
N SER B 331 -2.18 -36.77 9.24
CA SER B 331 -1.62 -37.78 8.33
C SER B 331 -2.42 -37.83 7.01
N LYS B 332 -3.75 -37.67 7.10
CA LYS B 332 -4.63 -37.71 5.95
C LYS B 332 -4.74 -36.39 5.12
N TRP B 333 -4.81 -35.19 5.78
CA TRP B 333 -5.04 -33.93 5.06
C TRP B 333 -3.83 -33.06 4.76
N GLU B 334 -2.78 -33.11 5.57
CA GLU B 334 -1.57 -32.30 5.34
C GLU B 334 -0.92 -32.65 4.03
N GLY B 335 -0.61 -31.63 3.23
CA GLY B 335 -0.03 -31.78 1.90
C GLY B 335 -1.07 -31.95 0.81
N GLN B 336 -2.37 -32.07 1.17
CA GLN B 336 -3.45 -32.26 0.21
C GLN B 336 -4.03 -30.95 -0.33
N ALA B 337 -4.62 -31.02 -1.54
CA ALA B 337 -5.34 -29.90 -2.13
C ALA B 337 -6.82 -30.12 -1.81
N LEU B 338 -7.45 -29.06 -1.32
CA LEU B 338 -8.85 -28.97 -0.94
C LEU B 338 -9.57 -28.24 -2.07
N SER B 339 -10.71 -28.77 -2.55
CA SER B 339 -11.48 -28.17 -3.65
C SER B 339 -12.86 -27.71 -3.19
N TYR B 340 -13.28 -26.50 -3.60
CA TYR B 340 -14.60 -26.00 -3.23
C TYR B 340 -15.39 -25.59 -4.47
N PRO B 341 -16.52 -26.28 -4.79
CA PRO B 341 -17.28 -25.89 -5.99
C PRO B 341 -18.05 -24.58 -5.81
N ASN B 342 -18.48 -24.30 -4.57
CA ASN B 342 -19.21 -23.10 -4.18
C ASN B 342 -18.28 -21.89 -4.07
N PHE B 343 -18.87 -20.68 -4.05
CA PHE B 343 -18.15 -19.44 -3.75
C PHE B 343 -17.81 -19.57 -2.24
N ILE B 344 -16.67 -19.03 -1.80
CA ILE B 344 -16.23 -19.21 -0.44
C ILE B 344 -16.24 -17.93 0.33
N SER B 345 -17.01 -17.92 1.41
CA SER B 345 -17.05 -16.77 2.31
C SER B 345 -15.93 -16.89 3.39
N THR B 346 -15.17 -15.81 3.57
CA THR B 346 -14.11 -15.81 4.57
C THR B 346 -14.18 -14.49 5.30
N SER B 347 -13.45 -14.34 6.41
CA SER B 347 -13.44 -13.06 7.12
C SER B 347 -12.00 -12.59 7.27
N ILE B 348 -11.77 -11.26 7.34
CA ILE B 348 -10.41 -10.78 7.67
C ILE B 348 -10.11 -11.03 9.20
N GLY B 349 -11.16 -11.28 9.99
CA GLY B 349 -11.04 -11.53 11.43
C GLY B 349 -11.03 -13.01 11.71
N SER B 350 -10.30 -13.43 12.75
CA SER B 350 -10.14 -14.84 13.14
C SER B 350 -11.01 -15.26 14.31
N VAL B 351 -11.64 -14.28 15.01
CA VAL B 351 -12.45 -14.53 16.22
C VAL B 351 -13.57 -15.53 16.01
N ASN B 352 -13.93 -16.25 17.08
CA ASN B 352 -15.08 -17.14 17.01
C ASN B 352 -16.35 -16.28 17.00
N MET B 353 -17.45 -16.77 16.41
CA MET B 353 -18.73 -16.05 16.32
C MET B 353 -19.86 -17.04 16.61
N SER B 354 -20.97 -16.58 17.21
CA SER B 354 -22.11 -17.45 17.52
C SER B 354 -22.59 -18.31 16.34
N ALA B 355 -22.60 -17.77 15.11
CA ALA B 355 -23.03 -18.51 13.91
C ALA B 355 -22.21 -19.79 13.64
N PHE B 356 -20.95 -19.83 14.11
CA PHE B 356 -20.10 -21.02 13.91
C PHE B 356 -19.33 -21.43 15.15
N ALA B 357 -19.90 -21.14 16.34
CA ALA B 357 -19.32 -21.38 17.66
C ALA B 357 -18.78 -22.78 17.90
N LYS B 358 -19.47 -23.79 17.36
CA LYS B 358 -19.17 -25.21 17.55
C LYS B 358 -18.27 -25.84 16.47
N ARG B 359 -18.11 -25.19 15.31
CA ARG B 359 -17.26 -25.69 14.21
C ARG B 359 -15.85 -25.94 14.67
N LYS B 360 -15.34 -27.16 14.47
CA LYS B 360 -14.04 -27.53 15.03
C LYS B 360 -12.85 -27.25 14.13
N ILE B 361 -13.07 -26.85 12.89
CA ILE B 361 -11.95 -26.69 11.94
C ILE B 361 -11.87 -25.25 11.48
N VAL B 362 -10.74 -24.56 11.81
CA VAL B 362 -10.54 -23.19 11.39
C VAL B 362 -9.59 -23.25 10.21
N LEU B 363 -10.04 -22.81 9.05
CA LEU B 363 -9.25 -22.77 7.82
C LEU B 363 -8.61 -21.39 7.75
N ARG B 364 -7.27 -21.32 7.85
CA ARG B 364 -6.50 -20.07 7.81
C ARG B 364 -5.87 -20.02 6.43
N ILE B 365 -6.46 -19.22 5.56
CA ILE B 365 -6.11 -19.15 4.16
C ILE B 365 -5.21 -17.96 3.82
N THR B 366 -4.09 -18.23 3.17
CA THR B 366 -3.25 -17.17 2.64
C THR B 366 -3.61 -17.02 1.16
N ILE B 367 -4.07 -15.81 0.79
CA ILE B 367 -4.47 -15.46 -0.55
C ILE B 367 -3.31 -14.76 -1.25
N PRO B 368 -2.75 -15.38 -2.30
CA PRO B 368 -1.66 -14.71 -3.04
C PRO B 368 -2.13 -13.42 -3.71
N LYS B 369 -1.28 -12.38 -3.69
CA LYS B 369 -1.56 -11.12 -4.38
C LYS B 369 -1.99 -11.45 -5.84
N GLY B 370 -3.05 -10.81 -6.32
CA GLY B 370 -3.51 -11.02 -7.70
C GLY B 370 -4.62 -12.03 -7.87
N SER B 371 -5.00 -12.70 -6.77
CA SER B 371 -6.08 -13.66 -6.77
C SER B 371 -7.44 -12.97 -6.90
N PRO B 372 -8.41 -13.59 -7.60
CA PRO B 372 -9.78 -13.01 -7.61
C PRO B 372 -10.26 -12.94 -6.16
N GLY B 373 -11.10 -11.96 -5.89
CA GLY B 373 -11.69 -11.81 -4.57
C GLY B 373 -12.11 -10.38 -4.31
N ALA B 374 -13.00 -10.19 -3.34
CA ALA B 374 -13.48 -8.87 -3.02
C ALA B 374 -13.89 -8.76 -1.57
N TYR B 375 -13.67 -7.56 -1.00
CA TYR B 375 -14.11 -7.25 0.36
C TYR B 375 -15.57 -6.81 0.26
N LEU B 376 -16.50 -7.77 0.36
CA LEU B 376 -17.95 -7.48 0.24
C LEU B 376 -18.47 -6.57 1.34
N SER B 377 -17.79 -6.55 2.52
CA SER B 377 -18.22 -5.71 3.65
C SER B 377 -18.00 -4.19 3.38
N ALA B 378 -17.40 -3.85 2.20
CA ALA B 378 -17.26 -2.46 1.71
C ALA B 378 -18.67 -1.94 1.27
N ILE B 379 -19.60 -2.85 0.98
CA ILE B 379 -20.97 -2.50 0.59
C ILE B 379 -21.78 -2.38 1.91
N PRO B 380 -22.33 -1.20 2.24
CA PRO B 380 -23.09 -1.05 3.49
C PRO B 380 -24.35 -1.92 3.54
N GLY B 381 -24.77 -2.26 4.76
CA GLY B 381 -25.98 -3.04 5.00
C GLY B 381 -25.88 -4.54 4.85
N TYR B 382 -24.64 -5.08 4.78
CA TYR B 382 -24.41 -6.52 4.61
C TYR B 382 -24.23 -7.28 5.93
N ALA B 383 -24.94 -8.43 6.07
CA ALA B 383 -24.87 -9.33 7.23
C ALA B 383 -23.49 -9.99 7.45
N GLY B 384 -22.69 -10.13 6.38
CA GLY B 384 -21.37 -10.75 6.43
C GLY B 384 -20.43 -10.02 7.37
N GLU B 385 -19.58 -10.77 8.10
CA GLU B 385 -18.64 -10.21 9.07
C GLU B 385 -17.29 -9.98 8.43
N TYR B 386 -16.98 -8.71 8.10
CA TYR B 386 -15.69 -8.29 7.51
C TYR B 386 -15.30 -9.28 6.43
N GLU B 387 -16.20 -9.46 5.49
CA GLU B 387 -16.15 -10.54 4.52
C GLU B 387 -15.34 -10.28 3.29
N VAL B 388 -14.56 -11.30 2.92
CA VAL B 388 -13.84 -11.45 1.66
C VAL B 388 -14.47 -12.65 0.96
N LEU B 389 -14.97 -12.47 -0.28
CA LEU B 389 -15.54 -13.60 -1.02
C LEU B 389 -14.51 -14.09 -2.04
N LEU B 390 -14.31 -15.41 -2.06
CA LEU B 390 -13.39 -16.06 -3.00
C LEU B 390 -14.18 -16.81 -4.05
N ASN B 391 -13.60 -16.88 -5.25
CA ASN B 391 -14.26 -17.44 -6.42
C ASN B 391 -14.61 -18.92 -6.27
N HIS B 392 -15.71 -19.33 -6.89
CA HIS B 392 -16.13 -20.73 -6.90
C HIS B 392 -15.06 -21.56 -7.65
N GLY B 393 -14.90 -22.81 -7.25
CA GLY B 393 -13.92 -23.70 -7.86
C GLY B 393 -12.51 -23.51 -7.33
N SER B 394 -12.35 -22.68 -6.28
CA SER B 394 -11.01 -22.42 -5.71
C SER B 394 -10.43 -23.69 -5.10
N LYS B 395 -9.09 -23.83 -5.17
CA LYS B 395 -8.39 -24.94 -4.54
C LYS B 395 -7.43 -24.39 -3.51
N PHE B 396 -7.26 -25.11 -2.41
CA PHE B 396 -6.42 -24.71 -1.27
C PHE B 396 -5.39 -25.78 -0.93
N LYS B 397 -4.11 -25.41 -0.95
CA LYS B 397 -3.06 -26.36 -0.57
C LYS B 397 -2.90 -26.33 0.95
N ILE B 398 -3.02 -27.47 1.61
CA ILE B 398 -2.84 -27.55 3.06
C ILE B 398 -1.35 -27.78 3.38
N ASN B 399 -0.73 -26.81 4.07
CA ASN B 399 0.69 -26.90 4.41
C ASN B 399 0.93 -27.53 5.78
N LYS B 400 0.03 -27.23 6.73
CA LYS B 400 0.23 -27.62 8.12
C LYS B 400 -1.10 -27.59 8.88
N ILE B 401 -1.26 -28.50 9.84
CA ILE B 401 -2.43 -28.55 10.72
C ILE B 401 -1.94 -28.54 12.17
N ASP B 402 -2.51 -27.67 13.01
CA ASP B 402 -2.20 -27.54 14.43
C ASP B 402 -3.51 -27.68 15.19
N SER B 403 -3.43 -28.03 16.45
CA SER B 403 -4.61 -28.16 17.29
C SER B 403 -4.52 -27.19 18.43
N TYR B 404 -5.66 -26.88 19.03
CA TYR B 404 -5.72 -26.03 20.20
C TYR B 404 -6.98 -26.38 21.00
N LYS B 405 -6.97 -26.05 22.28
CA LYS B 405 -8.13 -26.30 23.15
C LYS B 405 -9.03 -25.06 23.22
N ASP B 406 -10.26 -25.22 22.77
CA ASP B 406 -11.29 -24.18 22.90
C ASP B 406 -12.18 -24.70 24.07
N GLY B 407 -11.77 -24.36 25.29
CA GLY B 407 -12.46 -24.80 26.50
C GLY B 407 -12.13 -26.27 26.72
N THR B 408 -13.14 -27.13 26.60
CA THR B 408 -12.99 -28.57 26.77
C THR B 408 -12.99 -29.28 25.41
N ILE B 409 -13.10 -28.50 24.31
CA ILE B 409 -13.15 -29.02 22.95
C ILE B 409 -11.83 -28.72 22.23
N THR B 410 -11.19 -29.75 21.67
CA THR B 410 -9.98 -29.56 20.87
C THR B 410 -10.43 -29.20 19.45
N LYS B 411 -9.84 -28.13 18.89
CA LYS B 411 -10.21 -27.69 17.55
C LYS B 411 -8.93 -27.65 16.70
N LEU B 412 -9.06 -27.57 15.38
CA LEU B 412 -7.89 -27.56 14.47
C LEU B 412 -7.76 -26.24 13.71
N ILE B 413 -6.51 -25.90 13.35
CA ILE B 413 -6.17 -24.73 12.56
C ILE B 413 -5.45 -25.30 11.35
N VAL B 414 -6.08 -25.15 10.20
CA VAL B 414 -5.57 -25.66 8.93
C VAL B 414 -4.92 -24.47 8.21
N ASP B 415 -3.60 -24.48 8.12
CA ASP B 415 -2.81 -23.43 7.47
C ASP B 415 -2.73 -23.81 5.96
N ALA B 416 -3.49 -23.07 5.13
CA ALA B 416 -3.63 -23.34 3.70
C ALA B 416 -3.34 -22.14 2.83
N THR B 417 -2.92 -22.40 1.59
CA THR B 417 -2.65 -21.31 0.63
C THR B 417 -3.62 -21.53 -0.54
N LEU B 418 -4.28 -20.45 -0.99
CA LEU B 418 -5.14 -20.51 -2.16
C LEU B 418 -4.20 -20.81 -3.35
N ILE B 419 -4.57 -21.80 -4.18
CA ILE B 419 -3.77 -22.17 -5.34
C ILE B 419 -4.13 -21.24 -6.50
N PRO B 420 -3.16 -20.54 -7.09
CA PRO B 420 -3.46 -19.67 -8.25
C PRO B 420 -3.84 -20.49 -9.47
#